data_8VW4
#
_entry.id   8VW4
#
_cell.length_a   73.376
_cell.length_b   88.466
_cell.length_c   118.492
_cell.angle_alpha   90.00
_cell.angle_beta   90.00
_cell.angle_gamma   90.00
#
_symmetry.space_group_name_H-M   'P 21 21 21'
#
loop_
_entity.id
_entity.type
_entity.pdbx_description
1 polymer 'E3 ubiquitin-protein ligase CBL-B'
2 non-polymer 'MAGNESIUM ION'
3 non-polymer '(7-methoxy-2-{2-[(1S,3S,4S)-3-(3-methoxy-2-methyl-5-nitrophenyl)-1-methyl-5-oxo-1,5-dihydroimidazo[1,5-a]pyridin-2(3H)-yl]-2-oxoethoxy}quinolin-8-yl)acetic acid'
4 non-polymer GLYCEROL
5 non-polymer DI(HYDROXYETHYL)ETHER
6 water water
#
_entity_poly.entity_id   1
_entity_poly.type   'polypeptide(L)'
_entity_poly.pdbx_seq_one_letter_code
;GSPKQAAADRRTVEKTWKLMDKVVRLCQNPKLQLKNSPPYILDILPDTYQHLRLILSKYDDNQKLAQLSENEYFKIYIDS
LMKKSKRAIRLFKEGKERMYEEQSQDRRNLTKLSLIFSHMLAEIKAIFPNGQFQGDNFRITKADAAEFWRKFFGDKTIVP
WKVFRQCLHEVHQISSGLEAMALKSTIDLTCNDYISVFEFDIFTRLFQPWGSILRNWNFLAVTHPGYMAFLTYDEVKARL
QKYSTKPGSYIFRLSCTRLGQWAIGYVTGDGNILQTIPHNKPLFQALIDGSREGFYLYPDGRSYNPDLTG
;
_entity_poly.pdbx_strand_id   A,B
#
loop_
_chem_comp.id
_chem_comp.type
_chem_comp.name
_chem_comp.formula
A1AEG non-polymer '(7-methoxy-2-{2-[(1S,3S,4S)-3-(3-methoxy-2-methyl-5-nitrophenyl)-1-methyl-5-oxo-1,5-dihydroimidazo[1,5-a]pyridin-2(3H)-yl]-2-oxoethoxy}quinolin-8-yl)acetic acid' 'C30 H28 N4 O9'
GOL non-polymer GLYCEROL 'C3 H8 O3'
MG non-polymer 'MAGNESIUM ION' 'Mg 2'
PEG non-polymer DI(HYDROXYETHYL)ETHER 'C4 H10 O3'
#
# COMPACT_ATOMS: atom_id res chain seq x y z
N GLN A 5 21.36 11.31 19.26
CA GLN A 5 20.91 11.39 17.87
C GLN A 5 21.58 12.48 17.05
N ALA A 6 22.48 12.05 16.15
CA ALA A 6 23.11 12.96 15.22
C ALA A 6 22.06 13.70 14.39
N ALA A 7 22.44 14.84 13.82
CA ALA A 7 21.52 15.62 13.01
C ALA A 7 21.31 14.97 11.64
N ALA A 8 20.09 15.12 11.12
CA ALA A 8 19.69 14.47 9.88
C ALA A 8 19.81 15.44 8.70
N ASP A 9 21.06 15.77 8.38
CA ASP A 9 21.33 16.57 7.19
C ASP A 9 21.27 15.68 5.95
N ARG A 10 21.17 16.33 4.77
CA ARG A 10 21.07 15.57 3.53
C ARG A 10 22.22 14.58 3.37
N ARG A 11 23.42 14.93 3.83
CA ARG A 11 24.55 14.03 3.76
C ARG A 11 24.28 12.75 4.55
N THR A 12 23.68 12.90 5.73
CA THR A 12 23.35 11.75 6.57
C THR A 12 22.22 10.92 5.95
N VAL A 13 21.17 11.59 5.46
CA VAL A 13 20.07 10.86 4.82
C VAL A 13 20.58 10.10 3.60
N GLU A 14 21.50 10.71 2.85
CA GLU A 14 22.03 10.02 1.67
C GLU A 14 22.88 8.81 2.06
N LYS A 15 23.70 8.95 3.10
CA LYS A 15 24.46 7.82 3.62
C LYS A 15 23.56 6.65 3.95
N THR A 16 22.32 6.93 4.37
CA THR A 16 21.37 5.87 4.65
C THR A 16 20.87 5.22 3.35
N TRP A 17 20.69 6.02 2.30
CA TRP A 17 20.27 5.44 1.03
C TRP A 17 21.27 4.39 0.55
N LYS A 18 22.56 4.72 0.58
CA LYS A 18 23.58 3.76 0.16
C LYS A 18 23.49 2.46 0.96
N LEU A 19 23.28 2.56 2.28
CA LEU A 19 23.19 1.36 3.11
C LEU A 19 21.97 0.52 2.74
N MET A 20 20.81 1.15 2.55
CA MET A 20 19.63 0.42 2.10
C MET A 20 19.88 -0.25 0.76
N ASP A 21 20.59 0.43 -0.15
CA ASP A 21 20.88 -0.16 -1.46
C ASP A 21 21.68 -1.45 -1.31
N LYS A 22 22.65 -1.48 -0.39
CA LYS A 22 23.40 -2.70 -0.13
C LYS A 22 22.45 -3.81 0.32
N VAL A 23 21.53 -3.49 1.23
CA VAL A 23 20.56 -4.47 1.72
C VAL A 23 19.69 -4.98 0.56
N VAL A 24 19.31 -4.10 -0.36
CA VAL A 24 18.52 -4.55 -1.50
C VAL A 24 19.34 -5.46 -2.39
N ARG A 25 20.60 -5.11 -2.64
CA ARG A 25 21.45 -5.98 -3.44
C ARG A 25 21.62 -7.34 -2.79
N LEU A 26 21.86 -7.36 -1.47
CA LEU A 26 22.05 -8.63 -0.76
C LEU A 26 20.80 -9.49 -0.84
N CYS A 27 19.62 -8.88 -0.73
CA CYS A 27 18.36 -9.62 -0.77
C CYS A 27 17.94 -10.04 -2.17
N GLN A 28 18.61 -9.55 -3.21
CA GLN A 28 18.36 -10.00 -4.57
C GLN A 28 19.11 -11.28 -4.92
N ASN A 29 19.91 -11.82 -3.99
CA ASN A 29 20.65 -13.03 -4.28
C ASN A 29 19.69 -14.17 -4.58
N PRO A 30 19.72 -14.74 -5.79
CA PRO A 30 18.80 -15.85 -6.09
C PRO A 30 19.00 -17.06 -5.19
N LYS A 31 20.23 -17.36 -4.78
CA LYS A 31 20.44 -18.47 -3.84
C LYS A 31 19.59 -18.30 -2.59
N LEU A 32 19.17 -17.08 -2.30
CA LEU A 32 18.35 -16.81 -1.13
C LEU A 32 16.93 -17.38 -1.29
N GLN A 33 16.45 -17.48 -2.52
CA GLN A 33 15.08 -17.90 -2.81
C GLN A 33 14.10 -17.16 -1.91
N LEU A 34 14.19 -15.84 -1.93
CA LEU A 34 13.36 -14.99 -1.09
C LEU A 34 11.95 -14.95 -1.64
N LYS A 35 10.96 -15.26 -0.80
CA LYS A 35 9.59 -15.30 -1.24
C LYS A 35 8.96 -13.90 -1.21
N ASN A 36 8.18 -13.61 -2.24
CA ASN A 36 7.44 -12.35 -2.38
C ASN A 36 6.21 -12.41 -1.48
N SER A 37 6.39 -12.02 -0.21
CA SER A 37 5.35 -12.09 0.80
C SER A 37 5.62 -11.07 1.90
N PRO A 38 4.60 -10.32 2.34
CA PRO A 38 4.84 -9.26 3.32
C PRO A 38 5.32 -9.82 4.64
N PRO A 39 6.36 -9.23 5.26
CA PRO A 39 7.08 -8.04 4.80
C PRO A 39 8.17 -8.42 3.82
N TYR A 40 8.23 -7.73 2.68
CA TYR A 40 9.11 -8.07 1.57
C TYR A 40 10.10 -6.92 1.41
N ILE A 41 11.36 -7.16 1.78
CA ILE A 41 12.33 -6.08 1.79
C ILE A 41 12.45 -5.43 0.41
N LEU A 42 12.29 -6.22 -0.65
CA LEU A 42 12.43 -5.67 -1.99
C LEU A 42 11.29 -4.74 -2.38
N ASP A 43 10.18 -4.74 -1.63
CA ASP A 43 9.20 -3.67 -1.70
C ASP A 43 9.52 -2.55 -0.72
N ILE A 44 9.80 -2.91 0.53
CA ILE A 44 9.80 -1.92 1.62
C ILE A 44 10.96 -0.95 1.48
N LEU A 45 12.19 -1.45 1.27
CA LEU A 45 13.31 -0.53 1.25
C LEU A 45 13.25 0.42 0.05
N PRO A 46 12.96 -0.03 -1.16
CA PRO A 46 12.77 0.94 -2.25
C PRO A 46 11.70 1.97 -1.97
N ASP A 47 10.53 1.55 -1.47
CA ASP A 47 9.49 2.52 -1.15
C ASP A 47 9.94 3.49 -0.06
N THR A 48 10.79 3.03 0.87
CA THR A 48 11.30 3.92 1.89
C THR A 48 12.24 4.97 1.30
N TYR A 49 13.17 4.54 0.44
CA TYR A 49 14.00 5.51 -0.26
C TYR A 49 13.14 6.53 -1.00
N GLN A 50 12.07 6.06 -1.66
CA GLN A 50 11.21 6.97 -2.40
C GLN A 50 10.57 8.00 -1.47
N HIS A 51 10.03 7.55 -0.33
CA HIS A 51 9.40 8.50 0.58
C HIS A 51 10.42 9.48 1.16
N LEU A 52 11.64 8.99 1.46
CA LEU A 52 12.68 9.92 1.92
C LEU A 52 13.00 10.94 0.83
N ARG A 53 13.09 10.48 -0.42
CA ARG A 53 13.35 11.40 -1.52
C ARG A 53 12.26 12.46 -1.59
N LEU A 54 11.00 12.06 -1.38
CA LEU A 54 9.91 13.01 -1.34
C LEU A 54 10.12 14.05 -0.23
N ILE A 55 10.32 13.58 1.02
CA ILE A 55 10.48 14.50 2.15
C ILE A 55 11.55 15.52 1.86
N LEU A 56 12.74 15.06 1.46
CA LEU A 56 13.85 16.00 1.22
C LEU A 56 13.50 17.00 0.14
N SER A 57 12.70 16.60 -0.85
CA SER A 57 12.36 17.52 -1.93
C SER A 57 11.62 18.74 -1.40
N LYS A 58 10.79 18.55 -0.38
CA LYS A 58 9.97 19.64 0.15
C LYS A 58 10.79 20.66 0.94
N TYR A 59 11.86 20.22 1.60
CA TYR A 59 12.65 21.11 2.45
C TYR A 59 13.83 21.68 1.66
N ASP A 60 13.49 22.52 0.66
CA ASP A 60 14.47 22.94 -0.34
C ASP A 60 15.33 24.16 0.02
N ASP A 61 14.83 25.15 0.74
CA ASP A 61 15.73 26.22 1.15
C ASP A 61 16.52 25.82 2.40
N ASN A 62 17.44 26.70 2.83
CA ASN A 62 18.27 26.39 4.01
C ASN A 62 17.55 26.57 5.35
N GLN A 63 16.43 27.28 5.39
CA GLN A 63 15.73 27.35 6.67
C GLN A 63 14.75 26.20 6.84
N LYS A 64 14.44 25.51 5.74
CA LYS A 64 13.60 24.32 5.81
C LYS A 64 14.43 23.12 6.21
N LEU A 65 15.61 22.98 5.58
CA LEU A 65 16.53 21.92 5.93
C LEU A 65 16.98 22.01 7.39
N ALA A 66 17.07 23.22 7.94
CA ALA A 66 17.37 23.35 9.36
C ALA A 66 16.20 22.85 10.20
N GLN A 67 14.98 23.07 9.74
CA GLN A 67 13.81 22.51 10.42
C GLN A 67 13.84 21.00 10.37
N LEU A 68 13.97 20.44 9.16
CA LEU A 68 13.94 18.99 9.00
C LEU A 68 15.10 18.33 9.73
N SER A 69 16.32 18.83 9.53
CA SER A 69 17.49 18.20 10.14
C SER A 69 17.43 18.24 11.66
N GLU A 70 16.70 19.20 12.23
CA GLU A 70 16.59 19.29 13.68
C GLU A 70 15.33 18.61 14.22
N ASN A 71 14.41 18.22 13.33
CA ASN A 71 13.19 17.53 13.74
C ASN A 71 13.52 16.30 14.56
N GLU A 72 13.02 16.27 15.80
CA GLU A 72 13.42 15.20 16.71
C GLU A 72 13.04 13.83 16.16
N TYR A 73 11.79 13.69 15.71
CA TYR A 73 11.38 12.39 15.15
C TYR A 73 12.27 12.01 13.97
N PHE A 74 12.50 12.95 13.04
CA PHE A 74 13.28 12.62 11.85
C PHE A 74 14.73 12.28 12.22
N LYS A 75 15.30 12.98 13.20
CA LYS A 75 16.63 12.61 13.68
C LYS A 75 16.64 11.16 14.20
N ILE A 76 15.63 10.79 14.96
CA ILE A 76 15.55 9.42 15.48
C ILE A 76 15.32 8.42 14.36
N TYR A 77 14.41 8.76 13.43
CA TYR A 77 14.09 7.85 12.32
C TYR A 77 15.34 7.51 11.50
N ILE A 78 16.05 8.55 11.02
CA ILE A 78 17.23 8.33 10.18
C ILE A 78 18.30 7.53 10.94
N ASP A 79 18.43 7.75 12.24
CA ASP A 79 19.41 6.99 13.01
C ASP A 79 19.03 5.51 13.08
N SER A 80 17.74 5.23 13.33
CA SER A 80 17.28 3.84 13.33
C SER A 80 17.53 3.17 11.99
N LEU A 81 17.10 3.83 10.91
CA LEU A 81 17.23 3.26 9.58
C LEU A 81 18.69 2.91 9.28
N MET A 82 19.62 3.77 9.70
CA MET A 82 21.03 3.50 9.46
C MET A 82 21.52 2.34 10.31
N LYS A 83 21.04 2.26 11.56
CA LYS A 83 21.44 1.16 12.44
C LYS A 83 20.84 -0.16 11.96
N LYS A 84 19.55 -0.17 11.62
CA LYS A 84 18.90 -1.39 11.12
C LYS A 84 19.51 -1.85 9.81
N SER A 85 19.86 -0.92 8.93
CA SER A 85 20.47 -1.29 7.65
C SER A 85 21.87 -1.85 7.86
N LYS A 86 22.63 -1.27 8.79
CA LYS A 86 23.93 -1.85 9.13
C LYS A 86 23.76 -3.24 9.71
N ARG A 87 22.74 -3.43 10.56
CA ARG A 87 22.47 -4.76 11.11
C ARG A 87 22.17 -5.77 10.02
N ALA A 88 21.34 -5.38 9.03
CA ALA A 88 21.03 -6.29 7.94
C ALA A 88 22.29 -6.65 7.15
N ILE A 89 23.10 -5.64 6.82
CA ILE A 89 24.38 -5.89 6.16
C ILE A 89 25.24 -6.84 6.99
N ARG A 90 25.30 -6.61 8.30
CA ARG A 90 26.06 -7.50 9.16
C ARG A 90 25.51 -8.92 9.12
N LEU A 91 24.19 -9.04 9.03
CA LEU A 91 23.54 -10.34 9.04
C LEU A 91 24.02 -11.22 7.88
N PHE A 92 24.11 -10.67 6.68
CA PHE A 92 24.58 -11.47 5.55
C PHE A 92 26.05 -11.81 5.70
N LYS A 93 26.86 -10.87 6.18
CA LYS A 93 28.29 -11.10 6.33
C LYS A 93 28.56 -12.23 7.32
N GLU A 94 27.98 -12.13 8.52
CA GLU A 94 28.18 -13.16 9.53
C GLU A 94 27.38 -14.42 9.22
N GLY A 95 26.23 -14.28 8.58
CA GLY A 95 25.42 -15.46 8.29
C GLY A 95 25.99 -16.32 7.19
N LYS A 96 26.67 -15.69 6.22
CA LYS A 96 27.33 -16.45 5.17
C LYS A 96 26.37 -17.45 4.54
N GLU A 97 26.81 -18.69 4.32
CA GLU A 97 25.96 -19.65 3.63
C GLU A 97 24.70 -20.00 4.43
N ARG A 98 24.70 -19.79 5.75
CA ARG A 98 23.51 -20.08 6.55
C ARG A 98 22.34 -19.18 6.19
N MET A 99 22.57 -18.13 5.39
CA MET A 99 21.49 -17.25 4.92
C MET A 99 20.61 -17.89 3.87
N TYR A 100 21.10 -18.90 3.14
CA TYR A 100 20.27 -19.56 2.15
C TYR A 100 19.37 -20.65 2.75
N GLU A 101 19.59 -21.04 4.00
CA GLU A 101 18.76 -22.06 4.65
C GLU A 101 17.50 -21.38 5.15
N GLU A 102 16.41 -21.54 4.41
CA GLU A 102 15.18 -20.79 4.63
C GLU A 102 14.63 -20.92 6.05
N GLN A 103 15.13 -21.88 6.83
CA GLN A 103 14.70 -22.05 8.21
C GLN A 103 15.76 -21.69 9.24
N SER A 104 16.91 -21.18 8.83
CA SER A 104 17.98 -20.83 9.75
C SER A 104 17.59 -19.64 10.64
N GLN A 105 18.29 -19.52 11.77
CA GLN A 105 18.13 -18.35 12.63
C GLN A 105 18.56 -17.06 11.93
N ASP A 106 19.47 -17.16 10.96
CA ASP A 106 19.90 -15.96 10.25
C ASP A 106 18.79 -15.42 9.35
N ARG A 107 18.05 -16.31 8.69
CA ARG A 107 16.90 -15.86 7.92
C ARG A 107 15.75 -15.39 8.82
N ARG A 108 15.55 -16.04 9.97
CA ARG A 108 14.50 -15.57 10.88
C ARG A 108 14.79 -14.17 11.39
N ASN A 109 16.05 -13.85 11.64
CA ASN A 109 16.39 -12.50 12.04
C ASN A 109 16.19 -11.53 10.88
N LEU A 110 16.48 -11.97 9.64
CA LEU A 110 16.19 -11.13 8.49
C LEU A 110 14.70 -10.84 8.39
N THR A 111 13.86 -11.85 8.69
CA THR A 111 12.42 -11.61 8.69
C THR A 111 12.04 -10.62 9.80
N LYS A 112 12.63 -10.79 10.98
CA LYS A 112 12.39 -9.82 12.05
C LYS A 112 12.69 -8.40 11.59
N LEU A 113 13.82 -8.22 10.89
CA LEU A 113 14.19 -6.88 10.40
C LEU A 113 13.26 -6.41 9.29
N SER A 114 12.73 -7.33 8.49
CA SER A 114 11.82 -6.91 7.43
C SER A 114 10.51 -6.38 8.00
N LEU A 115 10.02 -7.01 9.08
CA LEU A 115 8.87 -6.45 9.78
C LEU A 115 9.17 -5.04 10.27
N ILE A 116 10.30 -4.86 10.93
CA ILE A 116 10.67 -3.55 11.48
C ILE A 116 10.69 -2.51 10.37
N PHE A 117 11.41 -2.80 9.28
CA PHE A 117 11.43 -1.89 8.14
C PHE A 117 10.02 -1.58 7.66
N SER A 118 9.18 -2.61 7.57
CA SER A 118 7.79 -2.40 7.17
C SER A 118 7.07 -1.46 8.12
N HIS A 119 7.23 -1.69 9.43
CA HIS A 119 6.60 -0.80 10.40
C HIS A 119 7.14 0.62 10.28
N MET A 120 8.46 0.75 10.04
CA MET A 120 9.07 2.06 9.88
C MET A 120 8.53 2.77 8.63
N LEU A 121 8.24 2.01 7.57
CA LEU A 121 7.67 2.63 6.38
C LEU A 121 6.29 3.19 6.66
N ALA A 122 5.41 2.37 7.24
CA ALA A 122 4.07 2.84 7.56
C ALA A 122 4.14 4.06 8.47
N GLU A 123 5.08 4.07 9.41
CA GLU A 123 5.18 5.19 10.34
C GLU A 123 5.54 6.48 9.62
N ILE A 124 6.57 6.43 8.77
CA ILE A 124 7.04 7.65 8.13
C ILE A 124 6.00 8.19 7.15
N LYS A 125 5.28 7.29 6.46
CA LYS A 125 4.16 7.74 5.63
C LYS A 125 3.06 8.36 6.48
N ALA A 126 2.92 7.93 7.73
CA ALA A 126 1.91 8.53 8.60
C ALA A 126 2.38 9.86 9.16
N ILE A 127 3.65 9.94 9.57
CA ILE A 127 4.14 11.16 10.21
C ILE A 127 4.51 12.23 9.19
N PHE A 128 4.97 11.83 8.00
CA PHE A 128 5.33 12.74 6.93
C PHE A 128 4.43 12.47 5.72
N PRO A 129 3.11 12.61 5.87
CA PRO A 129 2.24 12.36 4.71
C PRO A 129 2.60 13.32 3.59
N ASN A 130 2.88 12.76 2.41
CA ASN A 130 3.27 13.53 1.24
C ASN A 130 4.52 14.38 1.52
N GLY A 131 5.44 13.83 2.31
CA GLY A 131 6.71 14.49 2.54
C GLY A 131 6.67 15.70 3.45
N GLN A 132 5.51 16.03 3.99
CA GLN A 132 5.34 17.20 4.84
C GLN A 132 5.14 16.73 6.27
N PHE A 133 5.93 17.26 7.20
CA PHE A 133 5.84 16.80 8.58
C PHE A 133 4.51 17.20 9.20
N GLN A 134 3.74 16.20 9.64
CA GLN A 134 2.44 16.43 10.28
C GLN A 134 2.37 15.78 11.66
N GLY A 135 3.52 15.53 12.28
CA GLY A 135 3.55 14.72 13.49
C GLY A 135 2.76 15.30 14.64
N ASP A 136 2.75 16.62 14.78
CA ASP A 136 2.03 17.25 15.88
C ASP A 136 0.53 17.39 15.64
N ASN A 137 0.04 17.07 14.45
CA ASN A 137 -1.38 17.08 14.15
C ASN A 137 -1.98 15.69 14.11
N PHE A 138 -1.18 14.65 14.35
CA PHE A 138 -1.64 13.28 14.22
C PHE A 138 -2.85 13.04 15.12
N ARG A 139 -3.92 12.50 14.54
CA ARG A 139 -5.17 12.26 15.27
C ARG A 139 -5.22 10.82 15.77
N ILE A 140 -5.02 10.66 17.08
CA ILE A 140 -5.14 9.36 17.72
C ILE A 140 -6.59 8.88 17.62
N THR A 141 -6.78 7.62 17.22
CA THR A 141 -8.11 7.13 16.86
C THR A 141 -9.02 7.01 18.09
N LYS A 142 -8.52 6.48 19.19
CA LYS A 142 -9.30 6.34 20.42
C LYS A 142 -9.21 7.61 21.25
N ALA A 143 -10.38 8.14 21.63
CA ALA A 143 -10.44 9.45 22.27
C ALA A 143 -9.81 9.43 23.66
N ASP A 144 -10.12 8.42 24.46
CA ASP A 144 -9.57 8.39 25.82
C ASP A 144 -8.07 8.10 25.80
N ALA A 145 -7.59 7.34 24.82
CA ALA A 145 -6.14 7.21 24.62
C ALA A 145 -5.53 8.55 24.21
N ALA A 146 -6.17 9.27 23.29
CA ALA A 146 -5.66 10.56 22.83
C ALA A 146 -5.62 11.58 23.97
N GLU A 147 -6.61 11.54 24.86
CA GLU A 147 -6.55 12.38 26.05
C GLU A 147 -5.28 12.13 26.84
N PHE A 148 -4.93 10.85 27.03
CA PHE A 148 -3.72 10.51 27.76
C PHE A 148 -2.48 11.08 27.07
N TRP A 149 -2.36 10.89 25.77
CA TRP A 149 -1.19 11.39 25.06
C TRP A 149 -1.07 12.90 25.19
N ARG A 150 -2.15 13.64 24.91
CA ARG A 150 -2.06 15.09 24.99
C ARG A 150 -1.81 15.54 26.43
N LYS A 151 -2.42 14.86 27.39
CA LYS A 151 -2.27 15.28 28.78
C LYS A 151 -0.81 15.25 29.21
N PHE A 152 -0.12 14.15 28.90
CA PHE A 152 1.24 13.95 29.40
C PHE A 152 2.31 14.42 28.43
N PHE A 153 2.03 14.38 27.12
CA PHE A 153 3.03 14.71 26.11
C PHE A 153 2.56 15.79 25.15
N GLY A 154 1.30 16.18 25.22
CA GLY A 154 0.76 17.25 24.37
C GLY A 154 0.98 17.05 22.89
N ASP A 155 1.88 17.84 22.33
CA ASP A 155 2.06 17.93 20.89
C ASP A 155 3.12 16.96 20.37
N LYS A 156 3.86 16.31 21.25
CA LYS A 156 5.03 15.54 20.82
C LYS A 156 4.64 14.44 19.84
N THR A 157 5.55 14.17 18.90
CA THR A 157 5.40 13.06 17.96
C THR A 157 6.05 11.78 18.46
N ILE A 158 7.12 11.89 19.26
CA ILE A 158 7.89 10.74 19.71
C ILE A 158 8.36 11.00 21.12
N VAL A 159 8.43 9.93 21.91
CA VAL A 159 8.71 10.01 23.34
C VAL A 159 9.66 8.89 23.77
N PRO A 160 10.66 9.18 24.59
CA PRO A 160 11.52 8.11 25.11
C PRO A 160 10.69 7.06 25.84
N TRP A 161 11.06 5.79 25.67
CA TRP A 161 10.34 4.70 26.31
C TRP A 161 10.24 4.91 27.82
N LYS A 162 11.36 5.24 28.46
CA LYS A 162 11.36 5.45 29.89
C LYS A 162 10.36 6.51 30.30
N VAL A 163 10.29 7.61 29.53
CA VAL A 163 9.29 8.64 29.80
C VAL A 163 7.90 8.06 29.62
N PHE A 164 7.65 7.42 28.48
CA PHE A 164 6.33 6.85 28.23
C PHE A 164 5.93 5.87 29.32
N ARG A 165 6.85 5.01 29.75
CA ARG A 165 6.52 3.99 30.74
C ARG A 165 6.13 4.60 32.08
N GLN A 166 6.88 5.62 32.53
CA GLN A 166 6.55 6.25 33.81
C GLN A 166 5.20 6.94 33.76
N CYS A 167 4.88 7.59 32.63
CA CYS A 167 3.59 8.27 32.53
C CYS A 167 2.44 7.28 32.41
N LEU A 168 2.63 6.21 31.63
CA LEU A 168 1.60 5.18 31.58
C LEU A 168 1.39 4.56 32.96
N HIS A 169 2.47 4.35 33.69
CA HIS A 169 2.37 3.71 35.01
C HIS A 169 1.52 4.53 35.98
N GLU A 170 1.44 5.85 35.80
CA GLU A 170 0.59 6.66 36.66
C GLU A 170 -0.88 6.34 36.46
N VAL A 171 -1.25 5.93 35.25
CA VAL A 171 -2.64 5.67 34.91
C VAL A 171 -2.95 4.18 34.90
N HIS A 172 -2.04 3.36 34.36
CA HIS A 172 -2.19 1.92 34.33
C HIS A 172 -0.92 1.30 34.88
N GLN A 173 -1.00 0.75 36.10
CA GLN A 173 0.19 0.29 36.79
C GLN A 173 0.76 -0.97 36.15
N ILE A 174 2.07 -0.96 35.90
CA ILE A 174 2.81 -2.12 35.42
C ILE A 174 3.36 -2.88 36.63
N SER A 175 3.28 -4.22 36.57
CA SER A 175 3.55 -5.04 37.75
C SER A 175 5.04 -5.33 37.96
N SER A 176 5.84 -5.34 36.90
CA SER A 176 7.22 -5.80 37.03
C SER A 176 7.98 -5.39 35.77
N GLY A 177 9.31 -5.49 35.85
CA GLY A 177 10.14 -5.20 34.70
C GLY A 177 9.94 -6.17 33.56
N LEU A 178 9.73 -7.45 33.89
CA LEU A 178 9.44 -8.42 32.84
C LEU A 178 8.18 -8.05 32.06
N GLU A 179 7.14 -7.61 32.77
CA GLU A 179 5.94 -7.12 32.10
C GLU A 179 6.27 -5.88 31.25
N ALA A 180 6.92 -4.88 31.86
CA ALA A 180 7.29 -3.67 31.14
C ALA A 180 8.09 -4.00 29.88
N MET A 181 8.95 -5.01 29.97
CA MET A 181 9.77 -5.37 28.82
C MET A 181 8.93 -6.05 27.74
N ALA A 182 7.92 -6.83 28.14
CA ALA A 182 6.99 -7.41 27.17
C ALA A 182 6.11 -6.33 26.55
N LEU A 183 5.65 -5.39 27.37
CA LEU A 183 4.88 -4.26 26.87
C LEU A 183 5.70 -3.44 25.88
N LYS A 184 6.97 -3.23 26.18
CA LYS A 184 7.82 -2.48 25.25
C LYS A 184 7.89 -3.18 23.90
N SER A 185 8.21 -4.48 23.90
CA SER A 185 8.32 -5.17 22.63
C SER A 185 6.99 -5.19 21.87
N THR A 186 5.86 -4.97 22.56
CA THR A 186 4.58 -4.87 21.86
C THR A 186 4.36 -3.48 21.28
N ILE A 187 4.60 -2.41 22.07
CA ILE A 187 4.25 -1.07 21.60
C ILE A 187 5.30 -0.56 20.62
N ASP A 188 6.56 -0.90 20.87
CA ASP A 188 7.70 -0.35 20.14
C ASP A 188 7.92 -1.16 18.86
N LEU A 189 6.97 -0.98 17.94
CA LEU A 189 7.01 -1.70 16.66
C LEU A 189 8.33 -1.46 15.93
N THR A 190 8.85 -0.24 15.96
CA THR A 190 10.05 0.08 15.19
C THR A 190 11.35 -0.23 15.90
N CYS A 191 11.29 -0.79 17.11
CA CYS A 191 12.47 -1.18 17.89
C CYS A 191 13.52 -0.07 17.92
N ASN A 192 13.11 1.13 18.32
CA ASN A 192 14.04 2.25 18.46
C ASN A 192 14.06 2.83 19.86
N ASP A 193 13.47 2.13 20.84
CA ASP A 193 13.48 2.56 22.24
C ASP A 193 12.73 3.87 22.46
N TYR A 194 11.91 4.25 21.47
CA TYR A 194 11.02 5.39 21.55
C TYR A 194 9.60 4.93 21.28
N ILE A 195 8.64 5.74 21.70
CA ILE A 195 7.24 5.55 21.37
C ILE A 195 6.78 6.75 20.58
N SER A 196 6.42 6.54 19.31
CA SER A 196 5.85 7.61 18.51
C SER A 196 4.35 7.61 18.67
N VAL A 197 3.73 8.75 18.35
CA VAL A 197 2.28 8.85 18.44
C VAL A 197 1.60 7.88 17.49
N PHE A 198 2.29 7.48 16.42
CA PHE A 198 1.77 6.45 15.53
C PHE A 198 1.74 5.09 16.23
N GLU A 199 2.85 4.71 16.89
CA GLU A 199 2.88 3.43 17.59
C GLU A 199 1.85 3.40 18.70
N PHE A 200 1.70 4.51 19.42
CA PHE A 200 0.68 4.58 20.47
C PHE A 200 -0.71 4.37 19.89
N ASP A 201 -0.97 4.93 18.72
CA ASP A 201 -2.28 4.78 18.07
C ASP A 201 -2.54 3.32 17.72
N ILE A 202 -1.57 2.67 17.07
CA ILE A 202 -1.68 1.25 16.76
C ILE A 202 -1.97 0.45 18.02
N PHE A 203 -1.28 0.77 19.11
CA PHE A 203 -1.38 -0.06 20.31
C PHE A 203 -2.75 0.12 20.99
N THR A 204 -3.20 1.36 21.15
CA THR A 204 -4.47 1.57 21.84
C THR A 204 -5.67 1.15 20.99
N ARG A 205 -5.51 1.10 19.67
CA ARG A 205 -6.56 0.51 18.84
C ARG A 205 -6.62 -1.00 19.01
N LEU A 206 -5.46 -1.67 19.02
CA LEU A 206 -5.46 -3.12 19.15
C LEU A 206 -6.04 -3.57 20.49
N PHE A 207 -5.66 -2.91 21.58
CA PHE A 207 -5.98 -3.41 22.92
C PHE A 207 -6.97 -2.55 23.68
N GLN A 208 -7.81 -1.80 22.96
CA GLN A 208 -8.92 -1.09 23.57
C GLN A 208 -9.85 -2.05 24.31
N PRO A 209 -10.70 -1.53 25.22
CA PRO A 209 -10.83 -0.11 25.61
C PRO A 209 -9.70 0.37 26.52
N TRP A 210 -9.33 1.64 26.35
CA TRP A 210 -8.21 2.21 27.08
C TRP A 210 -8.33 1.96 28.58
N GLY A 211 -9.54 2.02 29.13
CA GLY A 211 -9.73 1.96 30.58
C GLY A 211 -9.23 0.67 31.22
N SER A 212 -9.05 -0.39 30.45
CA SER A 212 -8.52 -1.66 30.96
C SER A 212 -7.45 -2.20 30.03
N ILE A 213 -6.71 -1.31 29.36
CA ILE A 213 -5.88 -1.68 28.22
C ILE A 213 -4.82 -2.71 28.62
N LEU A 214 -4.17 -2.53 29.76
CA LEU A 214 -3.12 -3.45 30.15
C LEU A 214 -3.68 -4.84 30.45
N ARG A 215 -4.89 -4.93 31.01
CA ARG A 215 -5.52 -6.24 31.18
C ARG A 215 -5.81 -6.89 29.83
N ASN A 216 -6.33 -6.10 28.89
CA ASN A 216 -6.62 -6.61 27.56
C ASN A 216 -5.35 -7.05 26.85
N TRP A 217 -4.27 -6.28 27.00
CA TRP A 217 -3.03 -6.65 26.32
C TRP A 217 -2.48 -7.96 26.87
N ASN A 218 -2.49 -8.13 28.19
CA ASN A 218 -2.04 -9.36 28.79
C ASN A 218 -2.89 -10.53 28.31
N PHE A 219 -4.20 -10.35 28.30
CA PHE A 219 -5.11 -11.44 27.93
C PHE A 219 -4.94 -11.84 26.47
N LEU A 220 -4.63 -10.89 25.59
CA LEU A 220 -4.58 -11.20 24.17
C LEU A 220 -3.18 -11.56 23.69
N ALA A 221 -2.14 -10.89 24.18
CA ALA A 221 -0.81 -11.03 23.61
C ALA A 221 0.19 -11.72 24.53
N VAL A 222 -0.09 -11.89 25.82
CA VAL A 222 0.86 -12.52 26.74
C VAL A 222 0.44 -13.95 27.08
N THR A 223 -0.80 -14.15 27.52
CA THR A 223 -1.21 -15.43 28.09
C THR A 223 -2.09 -16.26 27.17
N HIS A 224 -2.35 -15.82 25.94
CA HIS A 224 -3.27 -16.52 25.06
C HIS A 224 -2.52 -17.32 24.00
N PRO A 225 -2.60 -18.66 24.02
CA PRO A 225 -1.92 -19.45 22.99
C PRO A 225 -2.49 -19.27 21.59
N GLY A 226 -3.69 -18.70 21.45
CA GLY A 226 -4.26 -18.43 20.14
C GLY A 226 -3.64 -17.26 19.41
N TYR A 227 -2.92 -16.39 20.13
CA TYR A 227 -2.29 -15.23 19.52
C TYR A 227 -1.12 -15.68 18.65
N MET A 228 -1.05 -15.13 17.43
CA MET A 228 -0.01 -15.52 16.47
C MET A 228 0.83 -14.34 15.97
N ALA A 229 0.61 -13.14 16.49
CA ALA A 229 1.32 -11.92 16.07
C ALA A 229 1.10 -11.74 14.56
N PHE A 230 2.15 -11.39 13.81
CA PHE A 230 2.01 -11.02 12.41
C PHE A 230 2.02 -12.26 11.53
N LEU A 231 0.96 -12.43 10.75
CA LEU A 231 0.85 -13.48 9.75
C LEU A 231 0.11 -12.91 8.54
N THR A 232 0.44 -13.43 7.37
CA THR A 232 -0.34 -13.07 6.20
C THR A 232 -1.59 -13.93 6.13
N TYR A 233 -2.50 -13.57 5.22
CA TYR A 233 -3.71 -14.35 5.02
C TYR A 233 -3.37 -15.79 4.67
N ASP A 234 -2.41 -15.98 3.75
CA ASP A 234 -2.02 -17.34 3.37
C ASP A 234 -1.42 -18.08 4.56
N GLU A 235 -0.60 -17.40 5.37
CA GLU A 235 0.05 -18.10 6.46
C GLU A 235 -0.95 -18.60 7.48
N VAL A 236 -2.02 -17.83 7.71
CA VAL A 236 -3.08 -18.30 8.59
C VAL A 236 -3.70 -19.59 8.05
N LYS A 237 -4.07 -19.59 6.77
CA LYS A 237 -4.63 -20.79 6.17
C LYS A 237 -3.67 -21.96 6.31
N ALA A 238 -2.39 -21.73 6.03
CA ALA A 238 -1.41 -22.82 6.12
C ALA A 238 -1.32 -23.36 7.54
N ARG A 239 -1.24 -22.49 8.54
CA ARG A 239 -1.07 -22.97 9.90
C ARG A 239 -2.28 -23.79 10.34
N LEU A 240 -3.48 -23.40 9.91
CA LEU A 240 -4.66 -24.11 10.37
C LEU A 240 -4.92 -25.40 9.59
N GLN A 241 -4.17 -25.66 8.52
CA GLN A 241 -4.40 -26.87 7.75
C GLN A 241 -4.32 -28.11 8.62
N LYS A 242 -3.32 -28.15 9.52
CA LYS A 242 -3.17 -29.34 10.36
C LYS A 242 -4.36 -29.56 11.26
N TYR A 243 -5.22 -28.55 11.44
CA TYR A 243 -6.42 -28.68 12.27
C TYR A 243 -7.71 -28.72 11.46
N SER A 244 -7.62 -28.84 10.14
CA SER A 244 -8.83 -28.85 9.31
C SER A 244 -9.81 -29.94 9.69
N THR A 245 -9.35 -31.02 10.34
CA THR A 245 -10.25 -32.07 10.80
C THR A 245 -10.65 -31.88 12.25
N LYS A 246 -10.36 -30.72 12.85
CA LYS A 246 -10.76 -30.40 14.22
C LYS A 246 -11.50 -29.07 14.22
N PRO A 247 -12.80 -29.08 13.94
CA PRO A 247 -13.59 -27.83 14.01
C PRO A 247 -13.42 -27.13 15.35
N GLY A 248 -13.44 -25.79 15.31
CA GLY A 248 -13.26 -24.99 16.49
C GLY A 248 -11.82 -24.59 16.78
N SER A 249 -10.85 -25.20 16.11
CA SER A 249 -9.49 -24.69 16.15
C SER A 249 -9.47 -23.28 15.57
N TYR A 250 -8.76 -22.37 16.23
CA TYR A 250 -8.72 -20.98 15.78
C TYR A 250 -7.44 -20.30 16.23
N ILE A 251 -7.11 -19.23 15.50
CA ILE A 251 -6.01 -18.34 15.86
C ILE A 251 -6.45 -16.92 15.50
N PHE A 252 -5.81 -15.94 16.12
CA PHE A 252 -6.02 -14.54 15.76
C PHE A 252 -4.66 -13.86 15.63
N ARG A 253 -4.59 -12.81 14.81
CA ARG A 253 -3.30 -12.33 14.32
C ARG A 253 -3.40 -10.89 13.86
N LEU A 254 -2.22 -10.34 13.54
CA LEU A 254 -2.06 -9.00 13.02
C LEU A 254 -1.62 -9.06 11.56
N SER A 255 -1.72 -7.91 10.89
CA SER A 255 -1.28 -7.78 9.50
C SER A 255 -0.31 -6.61 9.41
N CYS A 256 0.92 -6.90 8.94
CA CYS A 256 1.87 -5.82 8.74
C CYS A 256 1.45 -4.87 7.64
N THR A 257 0.54 -5.31 6.75
CA THR A 257 0.02 -4.45 5.70
C THR A 257 -1.07 -3.52 6.20
N ARG A 258 -1.79 -3.91 7.25
CA ARG A 258 -2.89 -3.08 7.78
C ARG A 258 -2.76 -3.04 9.31
N LEU A 259 -1.83 -2.22 9.78
CA LEU A 259 -1.57 -2.12 11.21
C LEU A 259 -2.79 -1.63 11.98
N GLY A 260 -2.90 -2.10 13.23
CA GLY A 260 -3.93 -1.65 14.13
C GLY A 260 -5.24 -2.42 14.08
N GLN A 261 -5.27 -3.56 13.38
CA GLN A 261 -6.51 -4.30 13.19
C GLN A 261 -6.25 -5.79 13.36
N TRP A 262 -7.23 -6.48 13.90
CA TRP A 262 -7.16 -7.90 14.19
C TRP A 262 -7.85 -8.71 13.09
N ALA A 263 -7.42 -9.96 12.95
CA ALA A 263 -8.11 -10.93 12.12
C ALA A 263 -8.12 -12.29 12.82
N ILE A 264 -9.18 -13.06 12.60
CA ILE A 264 -9.33 -14.39 13.18
C ILE A 264 -9.37 -15.43 12.08
N GLY A 265 -8.75 -16.58 12.33
CA GLY A 265 -8.90 -17.75 11.47
C GLY A 265 -9.41 -18.91 12.30
N TYR A 266 -10.33 -19.69 11.73
CA TYR A 266 -10.91 -20.80 12.47
C TYR A 266 -11.39 -21.87 11.50
N VAL A 267 -11.66 -23.06 12.07
CA VAL A 267 -12.06 -24.25 11.34
C VAL A 267 -13.55 -24.50 11.56
N THR A 268 -14.30 -24.61 10.46
CA THR A 268 -15.74 -24.85 10.53
C THR A 268 -16.01 -26.34 10.75
N GLY A 269 -17.27 -26.63 11.08
CA GLY A 269 -17.68 -28.01 11.23
C GLY A 269 -17.46 -28.86 9.99
N ASP A 270 -17.46 -28.25 8.81
CA ASP A 270 -17.19 -28.97 7.58
C ASP A 270 -15.70 -29.18 7.32
N GLY A 271 -14.83 -28.67 8.17
CA GLY A 271 -13.39 -28.73 7.95
C GLY A 271 -12.83 -27.65 7.05
N ASN A 272 -13.55 -26.55 6.84
CA ASN A 272 -13.04 -25.44 6.04
C ASN A 272 -12.36 -24.43 6.96
N ILE A 273 -11.39 -23.71 6.41
CA ILE A 273 -10.72 -22.63 7.11
C ILE A 273 -11.33 -21.31 6.64
N LEU A 274 -11.99 -20.61 7.55
CA LEU A 274 -12.53 -19.29 7.29
C LEU A 274 -11.74 -18.26 8.10
N GLN A 275 -11.68 -17.05 7.56
CA GLN A 275 -11.02 -15.93 8.24
C GLN A 275 -12.00 -14.78 8.29
N THR A 276 -11.99 -14.05 9.39
CA THR A 276 -12.94 -12.97 9.59
C THR A 276 -12.26 -11.81 10.29
N ILE A 277 -12.68 -10.60 9.94
CA ILE A 277 -12.20 -9.36 10.53
C ILE A 277 -13.27 -8.87 11.48
N PRO A 278 -13.04 -8.83 12.79
CA PRO A 278 -14.09 -8.38 13.71
C PRO A 278 -14.32 -6.88 13.64
N HIS A 279 -15.19 -6.45 12.74
CA HIS A 279 -15.46 -5.02 12.58
C HIS A 279 -16.25 -4.50 13.77
N ASN A 280 -15.80 -3.37 14.32
CA ASN A 280 -16.54 -2.62 15.35
C ASN A 280 -16.89 -3.20 16.72
N LYS A 281 -16.03 -4.11 17.18
CA LYS A 281 -16.03 -4.64 18.54
C LYS A 281 -14.66 -5.14 18.98
N PRO A 282 -14.25 -4.90 20.23
CA PRO A 282 -12.91 -5.32 20.65
C PRO A 282 -12.72 -6.83 20.51
N LEU A 283 -11.49 -7.23 20.19
CA LEU A 283 -11.20 -8.62 19.88
C LEU A 283 -11.57 -9.56 21.02
N PHE A 284 -11.12 -9.27 22.24
CA PHE A 284 -11.48 -10.14 23.37
C PHE A 284 -12.97 -10.36 23.43
N GLN A 285 -13.77 -9.38 22.99
CA GLN A 285 -15.20 -9.56 23.01
C GLN A 285 -15.67 -10.44 21.86
N ALA A 286 -15.06 -10.28 20.68
CA ALA A 286 -15.42 -11.16 19.56
C ALA A 286 -15.06 -12.60 19.89
N LEU A 287 -13.93 -12.82 20.57
CA LEU A 287 -13.52 -14.17 20.95
C LEU A 287 -14.47 -14.73 21.99
N ILE A 288 -14.91 -13.91 22.93
CA ILE A 288 -15.86 -14.37 23.93
C ILE A 288 -17.19 -14.71 23.28
N ASP A 289 -17.70 -13.83 22.41
CA ASP A 289 -18.89 -14.16 21.63
C ASP A 289 -18.65 -15.39 20.76
N GLY A 290 -17.51 -15.45 20.08
CA GLY A 290 -17.23 -16.59 19.21
C GLY A 290 -17.16 -17.90 19.96
N SER A 291 -16.61 -17.89 21.19
CA SER A 291 -16.52 -19.11 21.98
C SER A 291 -17.90 -19.61 22.37
N ARG A 292 -18.76 -18.70 22.84
CA ARG A 292 -20.11 -19.08 23.24
C ARG A 292 -20.88 -19.72 22.08
N GLU A 293 -20.74 -19.16 20.88
CA GLU A 293 -21.43 -19.70 19.71
C GLU A 293 -20.84 -21.02 19.24
N GLY A 294 -19.70 -21.44 19.77
CA GLY A 294 -19.12 -22.72 19.43
C GLY A 294 -18.10 -22.70 18.31
N PHE A 295 -17.69 -21.52 17.82
CA PHE A 295 -16.73 -21.40 16.72
C PHE A 295 -15.29 -21.39 17.19
N TYR A 296 -14.99 -20.67 18.26
CA TYR A 296 -13.62 -20.48 18.76
C TYR A 296 -13.47 -21.32 20.02
N LEU A 297 -13.05 -22.57 19.86
CA LEU A 297 -12.96 -23.50 20.97
C LEU A 297 -11.54 -23.92 21.32
N TYR A 298 -10.68 -24.14 20.32
CA TYR A 298 -9.36 -24.73 20.54
C TYR A 298 -8.27 -23.82 19.99
N PRO A 299 -7.74 -22.92 20.82
CA PRO A 299 -6.80 -21.90 20.31
C PRO A 299 -5.49 -22.56 19.89
N ASP A 300 -5.15 -22.39 18.62
CA ASP A 300 -3.96 -23.02 18.03
C ASP A 300 -3.97 -24.54 18.23
N GLY A 301 -5.15 -25.12 18.48
CA GLY A 301 -5.27 -26.56 18.62
C GLY A 301 -5.35 -27.07 20.04
N ARG A 302 -5.07 -26.23 21.04
CA ARG A 302 -5.12 -26.74 22.40
C ARG A 302 -6.56 -27.11 22.77
N SER A 303 -6.70 -27.74 23.93
CA SER A 303 -7.96 -28.39 24.26
C SER A 303 -8.88 -27.52 25.10
N TYR A 304 -8.42 -26.37 25.55
CA TYR A 304 -9.26 -25.49 26.35
C TYR A 304 -8.95 -24.04 26.01
N ASN A 305 -9.95 -23.20 26.12
CA ASN A 305 -9.78 -21.79 25.91
C ASN A 305 -9.24 -21.14 27.19
N PRO A 306 -8.39 -20.12 27.05
CA PRO A 306 -7.86 -19.45 28.25
C PRO A 306 -8.98 -18.79 29.05
N ASP A 307 -8.82 -18.81 30.37
CA ASP A 307 -9.88 -18.35 31.27
C ASP A 307 -10.04 -16.84 31.21
N LEU A 308 -11.27 -16.39 30.96
CA LEU A 308 -11.58 -14.98 30.84
C LEU A 308 -11.47 -14.26 32.19
N LYS B 4 -21.77 12.27 -12.51
CA LYS B 4 -22.02 13.08 -11.29
C LYS B 4 -23.36 12.74 -10.67
N GLN B 5 -24.41 13.46 -11.10
CA GLN B 5 -25.78 13.17 -10.64
C GLN B 5 -25.99 13.23 -9.12
N ALA B 6 -26.56 12.18 -8.54
CA ALA B 6 -26.96 12.18 -7.11
C ALA B 6 -25.86 12.68 -6.17
N ALA B 7 -26.26 13.46 -5.16
CA ALA B 7 -25.32 13.89 -4.13
C ALA B 7 -24.96 12.67 -3.30
N ALA B 8 -23.79 12.67 -2.65
CA ALA B 8 -23.33 11.45 -1.95
C ALA B 8 -23.55 11.55 -0.44
N ASP B 9 -24.81 11.43 0.00
CA ASP B 9 -25.09 11.37 1.42
C ASP B 9 -24.73 9.98 1.96
N ARG B 10 -24.69 9.86 3.30
CA ARG B 10 -24.25 8.61 3.90
C ARG B 10 -25.05 7.42 3.39
N ARG B 11 -26.35 7.61 3.15
CA ARG B 11 -27.15 6.50 2.64
C ARG B 11 -26.66 6.07 1.27
N THR B 12 -26.28 7.03 0.42
CA THR B 12 -25.80 6.73 -0.91
C THR B 12 -24.45 6.02 -0.86
N VAL B 13 -23.53 6.52 -0.03
CA VAL B 13 -22.22 5.88 0.10
C VAL B 13 -22.39 4.46 0.61
N GLU B 14 -23.29 4.27 1.57
CA GLU B 14 -23.47 2.93 2.15
C GLU B 14 -24.08 1.96 1.15
N LYS B 15 -25.05 2.40 0.35
CA LYS B 15 -25.58 1.53 -0.69
C LYS B 15 -24.46 0.98 -1.57
N THR B 16 -23.40 1.76 -1.75
CA THR B 16 -22.24 1.30 -2.50
C THR B 16 -21.46 0.22 -1.74
N TRP B 17 -21.35 0.37 -0.42
CA TRP B 17 -20.67 -0.65 0.38
C TRP B 17 -21.32 -2.02 0.20
N LYS B 18 -22.65 -2.09 0.30
CA LYS B 18 -23.31 -3.37 0.06
C LYS B 18 -22.94 -3.93 -1.30
N LEU B 19 -22.89 -3.07 -2.32
CA LEU B 19 -22.56 -3.53 -3.67
C LEU B 19 -21.14 -4.08 -3.73
N MET B 20 -20.19 -3.35 -3.15
CA MET B 20 -18.82 -3.86 -3.10
C MET B 20 -18.76 -5.17 -2.32
N ASP B 21 -19.56 -5.29 -1.26
CA ASP B 21 -19.58 -6.53 -0.49
C ASP B 21 -19.98 -7.71 -1.37
N LYS B 22 -21.00 -7.54 -2.21
CA LYS B 22 -21.39 -8.63 -3.10
C LYS B 22 -20.25 -9.02 -4.03
N VAL B 23 -19.56 -8.03 -4.59
CA VAL B 23 -18.46 -8.33 -5.51
C VAL B 23 -17.38 -9.14 -4.81
N VAL B 24 -17.06 -8.79 -3.55
CA VAL B 24 -16.02 -9.52 -2.82
C VAL B 24 -16.45 -10.95 -2.55
N ARG B 25 -17.72 -11.15 -2.17
CA ARG B 25 -18.23 -12.51 -1.96
C ARG B 25 -18.09 -13.35 -3.23
N LEU B 26 -18.44 -12.76 -4.38
CA LEU B 26 -18.34 -13.49 -5.64
C LEU B 26 -16.89 -13.87 -5.95
N CYS B 27 -15.95 -12.99 -5.65
CA CYS B 27 -14.55 -13.28 -5.92
C CYS B 27 -13.92 -14.23 -4.90
N GLN B 28 -14.61 -14.51 -3.79
CA GLN B 28 -14.14 -15.50 -2.82
C GLN B 28 -14.49 -16.92 -3.21
N ASN B 29 -15.19 -17.11 -4.33
CA ASN B 29 -15.55 -18.45 -4.77
C ASN B 29 -14.27 -19.23 -5.04
N PRO B 30 -13.98 -20.30 -4.31
CA PRO B 30 -12.72 -21.02 -4.55
C PRO B 30 -12.61 -21.54 -5.97
N LYS B 31 -13.73 -21.93 -6.57
CA LYS B 31 -13.73 -22.37 -7.96
C LYS B 31 -13.11 -21.34 -8.89
N LEU B 32 -13.07 -20.08 -8.47
CA LEU B 32 -12.48 -19.03 -9.29
C LEU B 32 -10.97 -19.17 -9.39
N GLN B 33 -10.33 -19.74 -8.37
CA GLN B 33 -8.87 -19.82 -8.32
C GLN B 33 -8.24 -18.49 -8.69
N LEU B 34 -8.71 -17.44 -8.00
CA LEU B 34 -8.23 -16.10 -8.28
C LEU B 34 -6.84 -15.93 -7.71
N LYS B 35 -5.92 -15.42 -8.54
CA LYS B 35 -4.53 -15.31 -8.14
C LYS B 35 -4.32 -14.09 -7.27
N ASN B 36 -3.54 -14.25 -6.21
CA ASN B 36 -3.17 -13.15 -5.33
C ASN B 36 -2.06 -12.39 -6.02
N SER B 37 -2.45 -11.43 -6.88
CA SER B 37 -1.49 -10.68 -7.68
C SER B 37 -2.14 -9.36 -8.09
N PRO B 38 -1.43 -8.25 -8.01
CA PRO B 38 -2.03 -6.95 -8.34
C PRO B 38 -2.43 -6.91 -9.81
N PRO B 39 -3.64 -6.39 -10.12
CA PRO B 39 -4.59 -5.85 -9.17
C PRO B 39 -5.46 -6.97 -8.62
N TYR B 40 -5.57 -7.04 -7.28
CA TYR B 40 -6.22 -8.14 -6.58
C TYR B 40 -7.44 -7.56 -5.89
N ILE B 41 -8.63 -7.91 -6.39
CA ILE B 41 -9.86 -7.30 -5.89
C ILE B 41 -10.06 -7.58 -4.41
N LEU B 42 -9.63 -8.74 -3.93
CA LEU B 42 -9.85 -9.05 -2.52
C LEU B 42 -9.00 -8.20 -1.59
N ASP B 43 -7.99 -7.51 -2.13
CA ASP B 43 -7.33 -6.40 -1.45
C ASP B 43 -8.04 -5.06 -1.72
N ILE B 44 -8.32 -4.80 -2.99
CA ILE B 44 -8.67 -3.44 -3.42
C ILE B 44 -10.02 -3.01 -2.85
N LEU B 45 -11.05 -3.84 -3.02
CA LEU B 45 -12.37 -3.42 -2.57
C LEU B 45 -12.45 -3.26 -1.07
N PRO B 46 -11.93 -4.18 -0.25
CA PRO B 46 -11.89 -3.93 1.21
C PRO B 46 -11.18 -2.64 1.57
N ASP B 47 -10.00 -2.40 0.99
CA ASP B 47 -9.29 -1.16 1.28
C ASP B 47 -10.07 0.08 0.82
N THR B 48 -10.89 -0.05 -0.23
CA THR B 48 -11.72 1.07 -0.66
C THR B 48 -12.81 1.36 0.37
N TYR B 49 -13.52 0.32 0.81
CA TYR B 49 -14.51 0.50 1.87
C TYR B 49 -13.90 1.19 3.08
N GLN B 50 -12.69 0.77 3.48
CA GLN B 50 -12.09 1.35 4.66
C GLN B 50 -11.79 2.83 4.46
N HIS B 51 -11.24 3.20 3.31
CA HIS B 51 -10.96 4.61 3.09
C HIS B 51 -12.24 5.42 3.05
N LEU B 52 -13.30 4.87 2.45
CA LEU B 52 -14.58 5.57 2.44
C LEU B 52 -15.14 5.71 3.84
N ARG B 53 -15.03 4.66 4.66
CA ARG B 53 -15.52 4.74 6.03
C ARG B 53 -14.77 5.82 6.81
N LEU B 54 -13.46 5.96 6.56
CA LEU B 54 -12.71 7.06 7.16
C LEU B 54 -13.30 8.40 6.76
N ILE B 55 -13.43 8.64 5.45
CA ILE B 55 -13.93 9.92 4.97
C ILE B 55 -15.25 10.26 5.65
N LEU B 56 -16.19 9.31 5.69
CA LEU B 56 -17.48 9.59 6.30
C LEU B 56 -17.33 9.93 7.79
N SER B 57 -16.40 9.27 8.48
CA SER B 57 -16.21 9.56 9.90
C SER B 57 -15.69 10.99 10.11
N LYS B 58 -14.81 11.45 9.21
CA LYS B 58 -14.26 12.78 9.38
C LYS B 58 -15.27 13.88 9.06
N TYR B 59 -16.16 13.63 8.09
CA TYR B 59 -17.14 14.63 7.69
C TYR B 59 -18.43 14.52 8.49
N ASP B 60 -18.58 13.46 9.28
CA ASP B 60 -19.76 13.34 10.14
C ASP B 60 -19.52 14.01 11.48
N ASP B 61 -18.26 14.02 11.92
CA ASP B 61 -17.97 14.64 13.23
C ASP B 61 -17.76 16.15 13.05
N ASN B 62 -17.34 16.58 11.87
CA ASN B 62 -17.19 18.03 11.59
C ASN B 62 -18.54 18.57 11.10
N GLN B 63 -19.56 17.73 11.09
CA GLN B 63 -20.93 18.15 10.67
C GLN B 63 -20.88 18.73 9.26
N LYS B 64 -20.07 18.15 8.38
CA LYS B 64 -19.92 18.70 7.01
C LYS B 64 -20.36 17.64 5.99
N LEU B 65 -21.33 16.81 6.36
CA LEU B 65 -21.85 15.77 5.44
C LEU B 65 -22.48 16.44 4.23
N ALA B 66 -23.04 17.63 4.41
CA ALA B 66 -23.67 18.37 3.30
C ALA B 66 -22.59 18.85 2.32
N GLN B 67 -21.39 19.12 2.82
CA GLN B 67 -20.27 19.53 1.94
C GLN B 67 -19.73 18.29 1.22
N LEU B 68 -19.73 17.12 1.89
CA LEU B 68 -19.25 15.90 1.25
C LEU B 68 -20.19 15.48 0.13
N SER B 69 -21.50 15.47 0.41
CA SER B 69 -22.45 15.03 -0.62
C SER B 69 -22.41 15.93 -1.86
N GLU B 70 -22.00 17.19 -1.71
CA GLU B 70 -21.93 18.12 -2.83
C GLU B 70 -20.58 18.19 -3.50
N ASN B 71 -19.53 17.65 -2.89
CA ASN B 71 -18.24 17.63 -3.55
C ASN B 71 -18.34 16.92 -4.90
N GLU B 72 -18.05 17.66 -5.98
CA GLU B 72 -18.29 17.12 -7.32
C GLU B 72 -17.47 15.86 -7.57
N TYR B 73 -16.18 15.88 -7.21
CA TYR B 73 -15.35 14.70 -7.38
C TYR B 73 -15.94 13.50 -6.65
N PHE B 74 -16.32 13.69 -5.39
CA PHE B 74 -16.83 12.59 -4.57
C PHE B 74 -18.16 12.07 -5.11
N LYS B 75 -19.02 12.98 -5.61
CA LYS B 75 -20.24 12.51 -6.26
C LYS B 75 -19.93 11.61 -7.45
N ILE B 76 -18.93 12.00 -8.26
CA ILE B 76 -18.56 11.21 -9.42
C ILE B 76 -17.96 9.88 -8.98
N TYR B 77 -17.07 9.91 -8.00
CA TYR B 77 -16.43 8.69 -7.52
C TYR B 77 -17.46 7.66 -7.07
N ILE B 78 -18.35 8.06 -6.15
CA ILE B 78 -19.35 7.13 -5.63
C ILE B 78 -20.20 6.57 -6.77
N ASP B 79 -20.48 7.41 -7.78
CA ASP B 79 -21.30 6.96 -8.90
C ASP B 79 -20.56 5.93 -9.76
N SER B 80 -19.29 6.18 -10.07
CA SER B 80 -18.49 5.20 -10.79
C SER B 80 -18.36 3.91 -10.00
N LEU B 81 -17.98 4.02 -8.73
CA LEU B 81 -17.82 2.85 -7.88
C LEU B 81 -19.09 2.02 -7.85
N MET B 82 -20.25 2.67 -7.80
CA MET B 82 -21.50 1.92 -7.79
C MET B 82 -21.78 1.30 -9.16
N LYS B 83 -21.50 2.02 -10.24
CA LYS B 83 -21.70 1.44 -11.56
C LYS B 83 -20.74 0.28 -11.80
N LYS B 84 -19.45 0.46 -11.48
CA LYS B 84 -18.47 -0.60 -11.68
C LYS B 84 -18.82 -1.83 -10.85
N SER B 85 -19.29 -1.62 -9.62
CA SER B 85 -19.64 -2.76 -8.79
C SER B 85 -20.86 -3.48 -9.36
N LYS B 86 -21.83 -2.73 -9.89
CA LYS B 86 -22.94 -3.39 -10.57
C LYS B 86 -22.46 -4.15 -11.80
N ARG B 87 -21.55 -3.55 -12.56
CA ARG B 87 -21.01 -4.24 -13.73
C ARG B 87 -20.32 -5.55 -13.34
N ALA B 88 -19.51 -5.51 -12.27
CA ALA B 88 -18.82 -6.71 -11.83
C ALA B 88 -19.80 -7.80 -11.44
N ILE B 89 -20.82 -7.44 -10.65
CA ILE B 89 -21.87 -8.40 -10.30
C ILE B 89 -22.47 -9.00 -11.56
N ARG B 90 -22.77 -8.15 -12.54
CA ARG B 90 -23.34 -8.64 -13.80
C ARG B 90 -22.37 -9.59 -14.50
N LEU B 91 -21.08 -9.29 -14.45
CA LEU B 91 -20.10 -10.16 -15.09
C LEU B 91 -20.20 -11.58 -14.56
N PHE B 92 -20.36 -11.73 -13.24
CA PHE B 92 -20.50 -13.07 -12.66
C PHE B 92 -21.81 -13.72 -13.08
N LYS B 93 -22.89 -12.93 -13.12
CA LYS B 93 -24.19 -13.50 -13.46
C LYS B 93 -24.20 -14.02 -14.90
N GLU B 94 -23.82 -13.18 -15.85
CA GLU B 94 -23.83 -13.56 -17.25
C GLU B 94 -22.69 -14.50 -17.61
N GLY B 95 -21.55 -14.40 -16.93
CA GLY B 95 -20.42 -15.26 -17.25
C GLY B 95 -20.62 -16.70 -16.85
N LYS B 96 -21.40 -16.95 -15.81
CA LYS B 96 -21.76 -18.31 -15.36
C LYS B 96 -20.46 -19.12 -15.23
N GLU B 97 -20.41 -20.35 -15.75
CA GLU B 97 -19.23 -21.20 -15.58
C GLU B 97 -17.99 -20.62 -16.26
N ARG B 98 -18.16 -19.72 -17.22
CA ARG B 98 -17.01 -19.13 -17.89
C ARG B 98 -16.13 -18.31 -16.95
N MET B 99 -16.61 -18.00 -15.74
CA MET B 99 -15.79 -17.23 -14.81
C MET B 99 -14.67 -18.07 -14.23
N TYR B 100 -14.83 -19.40 -14.20
CA TYR B 100 -13.78 -20.29 -13.73
C TYR B 100 -12.75 -20.57 -14.81
N GLU B 101 -13.02 -20.15 -16.04
CA GLU B 101 -12.13 -20.34 -17.18
C GLU B 101 -11.08 -19.23 -17.14
N GLU B 102 -9.88 -19.55 -16.66
CA GLU B 102 -8.87 -18.51 -16.44
C GLU B 102 -8.57 -17.68 -17.67
N GLN B 103 -8.90 -18.17 -18.87
CA GLN B 103 -8.61 -17.49 -20.11
C GLN B 103 -9.84 -16.94 -20.81
N SER B 104 -11.01 -17.03 -20.18
CA SER B 104 -12.21 -16.54 -20.81
C SER B 104 -12.16 -15.02 -20.96
N GLN B 105 -12.95 -14.51 -21.92
CA GLN B 105 -13.08 -13.06 -22.03
C GLN B 105 -13.75 -12.47 -20.79
N ASP B 106 -14.51 -13.27 -20.06
CA ASP B 106 -15.15 -12.80 -18.83
C ASP B 106 -14.11 -12.55 -17.75
N ARG B 107 -13.14 -13.44 -17.61
CA ARG B 107 -12.07 -13.20 -16.63
C ARG B 107 -11.17 -12.05 -17.07
N ARG B 108 -10.95 -11.92 -18.39
CA ARG B 108 -10.21 -10.76 -18.87
C ARG B 108 -10.96 -9.48 -18.52
N ASN B 109 -12.29 -9.52 -18.59
CA ASN B 109 -13.08 -8.36 -18.17
C ASN B 109 -12.98 -8.16 -16.66
N LEU B 110 -12.96 -9.25 -15.90
CA LEU B 110 -12.79 -9.12 -14.46
C LEU B 110 -11.44 -8.49 -14.14
N THR B 111 -10.39 -8.86 -14.89
CA THR B 111 -9.09 -8.25 -14.65
C THR B 111 -9.11 -6.77 -14.99
N LYS B 112 -9.71 -6.40 -16.13
CA LYS B 112 -9.84 -4.98 -16.43
C LYS B 112 -10.52 -4.23 -15.30
N LEU B 113 -11.60 -4.80 -14.75
CA LEU B 113 -12.32 -4.12 -13.69
C LEU B 113 -11.47 -3.99 -12.43
N SER B 114 -10.58 -4.96 -12.18
CA SER B 114 -9.68 -4.89 -11.03
C SER B 114 -8.66 -3.78 -11.18
N LEU B 115 -8.13 -3.57 -12.39
CA LEU B 115 -7.29 -2.41 -12.65
C LEU B 115 -8.03 -1.11 -12.34
N ILE B 116 -9.25 -0.98 -12.87
CA ILE B 116 -10.05 0.23 -12.64
C ILE B 116 -10.25 0.45 -11.15
N PHE B 117 -10.70 -0.58 -10.44
CA PHE B 117 -10.83 -0.50 -8.99
C PHE B 117 -9.50 -0.08 -8.34
N SER B 118 -8.40 -0.68 -8.79
CA SER B 118 -7.10 -0.32 -8.26
C SER B 118 -6.77 1.15 -8.50
N HIS B 119 -7.03 1.65 -9.72
CA HIS B 119 -6.80 3.07 -10.01
C HIS B 119 -7.71 3.96 -9.17
N MET B 120 -8.97 3.56 -9.00
CA MET B 120 -9.88 4.35 -8.18
C MET B 120 -9.41 4.42 -6.73
N LEU B 121 -8.76 3.36 -6.23
CA LEU B 121 -8.26 3.40 -4.87
C LEU B 121 -7.15 4.44 -4.74
N ALA B 122 -6.13 4.34 -5.60
CA ALA B 122 -5.04 5.31 -5.56
C ALA B 122 -5.55 6.73 -5.74
N GLU B 123 -6.55 6.92 -6.60
CA GLU B 123 -7.06 8.25 -6.85
C GLU B 123 -7.70 8.83 -5.58
N ILE B 124 -8.57 8.06 -4.94
CA ILE B 124 -9.30 8.58 -3.77
C ILE B 124 -8.34 8.82 -2.61
N LYS B 125 -7.36 7.95 -2.44
CA LYS B 125 -6.34 8.19 -1.42
C LYS B 125 -5.54 9.45 -1.70
N ALA B 126 -5.40 9.82 -2.99
CA ALA B 126 -4.64 11.02 -3.34
C ALA B 126 -5.47 12.28 -3.17
N ILE B 127 -6.73 12.25 -3.59
CA ILE B 127 -7.56 13.45 -3.51
C ILE B 127 -8.12 13.63 -2.10
N PHE B 128 -8.37 12.53 -1.39
CA PHE B 128 -8.86 12.55 -0.01
C PHE B 128 -7.81 11.92 0.90
N PRO B 129 -6.61 12.49 0.95
CA PRO B 129 -5.58 11.91 1.84
C PRO B 129 -6.07 11.95 3.28
N ASN B 130 -6.06 10.79 3.92
CA ASN B 130 -6.53 10.64 5.30
C ASN B 130 -7.98 11.13 5.46
N GLY B 131 -8.80 10.88 4.43
CA GLY B 131 -10.21 11.19 4.50
C GLY B 131 -10.59 12.65 4.36
N GLN B 132 -9.64 13.54 4.12
CA GLN B 132 -9.89 14.97 3.96
C GLN B 132 -9.67 15.40 2.53
N PHE B 133 -10.64 16.10 1.96
CA PHE B 133 -10.56 16.52 0.56
C PHE B 133 -9.45 17.55 0.36
N GLN B 134 -8.51 17.23 -0.51
CA GLN B 134 -7.43 18.13 -0.90
C GLN B 134 -7.38 18.34 -2.41
N GLY B 135 -8.49 18.08 -3.11
CA GLY B 135 -8.45 18.07 -4.57
C GLY B 135 -8.07 19.41 -5.16
N ASP B 136 -8.52 20.50 -4.55
CA ASP B 136 -8.24 21.85 -5.05
C ASP B 136 -6.84 22.33 -4.67
N ASN B 137 -6.11 21.56 -3.86
CA ASN B 137 -4.73 21.86 -3.52
C ASN B 137 -3.72 20.98 -4.25
N PHE B 138 -4.19 20.07 -5.11
CA PHE B 138 -3.30 19.08 -5.71
C PHE B 138 -2.18 19.74 -6.50
N ARG B 139 -0.95 19.32 -6.24
CA ARG B 139 0.24 19.88 -6.87
C ARG B 139 0.58 19.01 -8.06
N ILE B 140 0.26 19.47 -9.28
CA ILE B 140 0.66 18.73 -10.47
C ILE B 140 2.17 18.69 -10.54
N THR B 141 2.72 17.50 -10.80
CA THR B 141 4.15 17.27 -10.62
C THR B 141 4.98 18.05 -11.65
N LYS B 142 4.57 18.05 -12.91
CA LYS B 142 5.29 18.76 -13.95
C LYS B 142 4.77 20.19 -14.05
N ALA B 143 5.69 21.17 -14.06
CA ALA B 143 5.27 22.56 -13.94
C ALA B 143 4.48 23.04 -15.15
N ASP B 144 4.96 22.74 -16.37
CA ASP B 144 4.25 23.22 -17.55
C ASP B 144 2.92 22.50 -17.74
N ALA B 145 2.82 21.24 -17.29
CA ALA B 145 1.51 20.59 -17.23
C ALA B 145 0.59 21.29 -16.24
N ALA B 146 1.12 21.65 -15.06
CA ALA B 146 0.31 22.34 -14.06
C ALA B 146 -0.18 23.69 -14.56
N GLU B 147 0.64 24.42 -15.32
CA GLU B 147 0.15 25.65 -15.93
C GLU B 147 -1.05 25.39 -16.84
N PHE B 148 -0.98 24.33 -17.65
CA PHE B 148 -2.10 24.01 -18.53
C PHE B 148 -3.37 23.80 -17.73
N TRP B 149 -3.30 22.97 -16.69
CA TRP B 149 -4.47 22.71 -15.87
C TRP B 149 -4.99 24.01 -15.25
N ARG B 150 -4.10 24.82 -14.69
CA ARG B 150 -4.54 26.05 -14.06
C ARG B 150 -5.16 27.01 -15.07
N LYS B 151 -4.57 27.10 -16.27
CA LYS B 151 -5.09 28.02 -17.29
C LYS B 151 -6.54 27.70 -17.64
N PHE B 152 -6.83 26.44 -17.97
CA PHE B 152 -8.12 26.06 -18.51
C PHE B 152 -9.12 25.61 -17.44
N PHE B 153 -8.63 25.05 -16.33
CA PHE B 153 -9.50 24.48 -15.31
C PHE B 153 -9.27 25.04 -13.93
N GLY B 154 -8.24 25.85 -13.71
CA GLY B 154 -8.00 26.48 -12.43
C GLY B 154 -7.92 25.54 -11.24
N ASP B 155 -8.95 25.58 -10.40
CA ASP B 155 -8.97 24.88 -9.12
C ASP B 155 -9.59 23.49 -9.20
N LYS B 156 -10.22 23.15 -10.33
CA LYS B 156 -11.04 21.95 -10.39
C LYS B 156 -10.24 20.69 -10.10
N THR B 157 -10.91 19.73 -9.47
CA THR B 157 -10.34 18.41 -9.21
C THR B 157 -10.61 17.44 -10.35
N ILE B 158 -11.73 17.62 -11.05
CA ILE B 158 -12.14 16.67 -12.08
C ILE B 158 -12.82 17.46 -13.20
N VAL B 159 -12.62 17.00 -14.42
CA VAL B 159 -13.11 17.71 -15.60
C VAL B 159 -13.68 16.68 -16.57
N PRO B 160 -14.85 16.94 -17.15
CA PRO B 160 -15.39 16.01 -18.16
C PRO B 160 -14.42 15.81 -19.32
N TRP B 161 -14.39 14.58 -19.84
CA TRP B 161 -13.48 14.25 -20.93
C TRP B 161 -13.62 15.20 -22.11
N LYS B 162 -14.85 15.43 -22.56
CA LYS B 162 -15.06 16.27 -23.74
C LYS B 162 -14.48 17.67 -23.54
N VAL B 163 -14.68 18.25 -22.35
CA VAL B 163 -14.06 19.53 -22.03
C VAL B 163 -12.54 19.42 -22.07
N PHE B 164 -11.99 18.43 -21.36
CA PHE B 164 -10.54 18.24 -21.35
C PHE B 164 -10.00 18.08 -22.76
N ARG B 165 -10.68 17.29 -23.59
CA ARG B 165 -10.23 17.03 -24.95
C ARG B 165 -10.19 18.32 -25.77
N GLN B 166 -11.22 19.15 -25.63
CA GLN B 166 -11.26 20.42 -26.36
C GLN B 166 -10.12 21.34 -25.94
N CYS B 167 -9.81 21.38 -24.63
CA CYS B 167 -8.75 22.27 -24.16
C CYS B 167 -7.38 21.73 -24.55
N LEU B 168 -7.17 20.41 -24.44
CA LEU B 168 -5.89 19.84 -24.85
C LEU B 168 -5.65 20.07 -26.34
N HIS B 169 -6.71 19.93 -27.16
CA HIS B 169 -6.58 20.08 -28.61
C HIS B 169 -6.09 21.48 -29.00
N GLU B 170 -6.40 22.49 -28.19
CA GLU B 170 -5.95 23.84 -28.48
C GLU B 170 -4.44 23.99 -28.36
N VAL B 171 -3.81 23.18 -27.52
CA VAL B 171 -2.37 23.24 -27.31
C VAL B 171 -1.65 22.11 -28.05
N HIS B 172 -2.23 20.91 -28.00
CA HIS B 172 -1.67 19.72 -28.64
C HIS B 172 -2.73 19.13 -29.55
N GLN B 173 -2.55 19.28 -30.86
CA GLN B 173 -3.61 18.95 -31.80
C GLN B 173 -3.79 17.44 -31.89
N ILE B 174 -5.03 16.99 -31.75
CA ILE B 174 -5.41 15.60 -31.96
C ILE B 174 -5.81 15.43 -33.42
N SER B 175 -5.36 14.33 -34.03
CA SER B 175 -5.50 14.13 -35.47
C SER B 175 -6.84 13.51 -35.88
N SER B 176 -7.49 12.74 -35.00
CA SER B 176 -8.64 11.95 -35.42
C SER B 176 -9.39 11.45 -34.18
N GLY B 177 -10.61 10.99 -34.41
CA GLY B 177 -11.38 10.40 -33.33
C GLY B 177 -10.76 9.10 -32.82
N LEU B 178 -10.20 8.30 -33.71
CA LEU B 178 -9.52 7.08 -33.27
C LEU B 178 -8.37 7.42 -32.34
N GLU B 179 -7.57 8.43 -32.68
CA GLU B 179 -6.53 8.92 -31.79
C GLU B 179 -7.12 9.41 -30.49
N ALA B 180 -8.15 10.26 -30.57
CA ALA B 180 -8.77 10.81 -29.36
C ALA B 180 -9.21 9.71 -28.43
N MET B 181 -9.80 8.63 -28.96
CA MET B 181 -10.28 7.57 -28.08
C MET B 181 -9.14 6.73 -27.53
N ALA B 182 -8.06 6.56 -28.31
CA ALA B 182 -6.88 5.89 -27.80
C ALA B 182 -6.24 6.70 -26.68
N LEU B 183 -6.18 8.03 -26.85
CA LEU B 183 -5.71 8.91 -25.79
C LEU B 183 -6.62 8.83 -24.58
N LYS B 184 -7.94 8.79 -24.81
CA LYS B 184 -8.87 8.68 -23.69
C LYS B 184 -8.60 7.42 -22.88
N SER B 185 -8.48 6.27 -23.54
CA SER B 185 -8.24 5.05 -22.78
C SER B 185 -6.91 5.08 -22.04
N THR B 186 -5.98 5.95 -22.43
CA THR B 186 -4.72 6.09 -21.69
C THR B 186 -4.88 6.99 -20.47
N ILE B 187 -5.52 8.16 -20.63
CA ILE B 187 -5.59 9.10 -19.53
C ILE B 187 -6.68 8.72 -18.54
N ASP B 188 -7.80 8.19 -19.04
CA ASP B 188 -8.95 7.90 -18.20
C ASP B 188 -8.77 6.54 -17.54
N LEU B 189 -7.83 6.50 -16.59
CA LEU B 189 -7.52 5.25 -15.91
C LEU B 189 -8.75 4.63 -15.24
N THR B 190 -9.62 5.46 -14.68
CA THR B 190 -10.79 4.98 -13.94
C THR B 190 -12.02 4.73 -14.82
N CYS B 191 -11.93 4.93 -16.13
CA CYS B 191 -13.02 4.68 -17.07
C CYS B 191 -14.35 5.24 -16.58
N ASN B 192 -14.34 6.52 -16.21
CA ASN B 192 -15.58 7.19 -15.80
C ASN B 192 -15.90 8.40 -16.67
N ASP B 193 -15.20 8.58 -17.80
CA ASP B 193 -15.44 9.67 -18.75
C ASP B 193 -15.11 11.05 -18.20
N TYR B 194 -14.36 11.10 -17.11
CA TYR B 194 -13.84 12.33 -16.55
C TYR B 194 -12.31 12.23 -16.46
N ILE B 195 -11.65 13.38 -16.44
CA ILE B 195 -10.23 13.44 -16.19
C ILE B 195 -10.03 14.22 -14.91
N SER B 196 -9.51 13.55 -13.88
CA SER B 196 -9.21 14.18 -12.62
C SER B 196 -7.79 14.74 -12.66
N VAL B 197 -7.51 15.66 -11.74
CA VAL B 197 -6.16 16.20 -11.65
C VAL B 197 -5.16 15.10 -11.30
N PHE B 198 -5.61 14.03 -10.63
CA PHE B 198 -4.74 12.88 -10.36
C PHE B 198 -4.40 12.14 -11.64
N GLU B 199 -5.42 11.83 -12.46
CA GLU B 199 -5.18 11.12 -13.71
C GLU B 199 -4.35 11.96 -14.66
N PHE B 200 -4.60 13.27 -14.70
CA PHE B 200 -3.79 14.16 -15.52
C PHE B 200 -2.33 14.16 -15.07
N ASP B 201 -2.09 14.14 -13.76
CA ASP B 201 -0.71 14.15 -13.25
C ASP B 201 0.04 12.90 -13.67
N ILE B 202 -0.59 11.72 -13.54
CA ILE B 202 0.06 10.47 -13.94
CA ILE B 202 0.07 10.47 -13.93
C ILE B 202 0.42 10.51 -15.41
N PHE B 203 -0.52 10.96 -16.25
CA PHE B 203 -0.30 10.97 -17.69
C PHE B 203 0.87 11.89 -18.09
N THR B 204 0.92 13.09 -17.51
CA THR B 204 1.98 14.04 -17.86
C THR B 204 3.33 13.66 -17.27
N ARG B 205 3.36 12.88 -16.19
CA ARG B 205 4.63 12.34 -15.72
C ARG B 205 5.12 11.25 -16.66
N LEU B 206 4.23 10.37 -17.10
CA LEU B 206 4.63 9.25 -17.93
C LEU B 206 5.16 9.73 -19.27
N PHE B 207 4.46 10.68 -19.91
CA PHE B 207 4.73 11.04 -21.29
C PHE B 207 5.32 12.45 -21.44
N GLN B 208 5.98 12.94 -20.38
CA GLN B 208 6.79 14.15 -20.45
C GLN B 208 7.90 14.01 -21.49
N PRO B 209 8.47 15.13 -21.95
CA PRO B 209 8.17 16.51 -21.57
C PRO B 209 6.86 16.99 -22.18
N TRP B 210 6.17 17.86 -21.44
CA TRP B 210 4.85 18.35 -21.85
C TRP B 210 4.84 18.90 -23.27
N GLY B 211 5.90 19.61 -23.68
CA GLY B 211 5.86 20.29 -24.97
C GLY B 211 5.66 19.37 -26.16
N SER B 212 5.90 18.06 -25.99
CA SER B 212 5.76 17.09 -27.07
C SER B 212 4.97 15.88 -26.60
N ILE B 213 4.07 16.09 -25.64
CA ILE B 213 3.48 14.98 -24.91
C ILE B 213 2.75 14.02 -25.86
N LEU B 214 2.00 14.54 -26.82
CA LEU B 214 1.26 13.66 -27.73
C LEU B 214 2.20 12.88 -28.65
N ARG B 215 3.30 13.50 -29.08
CA ARG B 215 4.28 12.75 -29.85
C ARG B 215 4.91 11.65 -29.01
N ASN B 216 5.28 11.97 -27.76
CA ASN B 216 5.88 10.97 -26.89
C ASN B 216 4.92 9.84 -26.57
N TRP B 217 3.65 10.17 -26.31
CA TRP B 217 2.66 9.14 -25.99
C TRP B 217 2.43 8.22 -27.18
N ASN B 218 2.32 8.77 -28.39
CA ASN B 218 2.13 7.96 -29.58
C ASN B 218 3.30 7.00 -29.80
N PHE B 219 4.52 7.51 -29.67
CA PHE B 219 5.71 6.70 -29.92
C PHE B 219 5.87 5.60 -28.88
N LEU B 220 5.43 5.83 -27.64
CA LEU B 220 5.63 4.88 -26.54
C LEU B 220 4.47 3.92 -26.35
N ALA B 221 3.23 4.39 -26.45
CA ALA B 221 2.08 3.57 -26.07
C ALA B 221 1.20 3.15 -27.23
N VAL B 222 1.37 3.76 -28.41
CA VAL B 222 0.53 3.44 -29.57
C VAL B 222 1.26 2.57 -30.58
N THR B 223 2.47 2.98 -31.00
CA THR B 223 3.19 2.31 -32.08
C THR B 223 4.38 1.50 -31.59
N HIS B 224 4.60 1.38 -30.29
CA HIS B 224 5.79 0.67 -29.82
C HIS B 224 5.42 -0.73 -29.37
N PRO B 225 5.89 -1.78 -30.06
CA PRO B 225 5.59 -3.15 -29.62
C PRO B 225 6.24 -3.51 -28.29
N GLY B 226 7.22 -2.75 -27.81
CA GLY B 226 7.83 -3.00 -26.52
C GLY B 226 6.96 -2.59 -25.34
N TYR B 227 5.94 -1.77 -25.58
CA TYR B 227 5.06 -1.31 -24.52
C TYR B 227 4.15 -2.45 -24.06
N MET B 228 4.04 -2.63 -22.74
CA MET B 228 3.26 -3.72 -22.17
C MET B 228 2.13 -3.28 -21.28
N ALA B 229 1.89 -1.97 -21.15
CA ALA B 229 0.85 -1.42 -20.26
C ALA B 229 1.15 -1.95 -18.85
N PHE B 230 0.14 -2.35 -18.08
CA PHE B 230 0.33 -2.72 -16.68
C PHE B 230 0.71 -4.19 -16.57
N LEU B 231 1.88 -4.45 -15.99
CA LEU B 231 2.38 -5.78 -15.68
C LEU B 231 3.08 -5.73 -14.31
N THR B 232 3.07 -6.87 -13.62
CA THR B 232 3.81 -6.99 -12.37
C THR B 232 5.27 -7.35 -12.63
N TYR B 233 6.07 -7.27 -11.56
CA TYR B 233 7.47 -7.69 -11.65
C TYR B 233 7.60 -9.15 -12.09
N ASP B 234 6.79 -10.04 -11.49
CA ASP B 234 6.84 -11.45 -11.89
C ASP B 234 6.42 -11.65 -13.33
N GLU B 235 5.38 -10.91 -13.78
CA GLU B 235 4.87 -11.09 -15.13
C GLU B 235 5.89 -10.66 -16.18
N VAL B 236 6.65 -9.60 -15.90
CA VAL B 236 7.73 -9.22 -16.81
C VAL B 236 8.74 -10.35 -16.94
N LYS B 237 9.19 -10.89 -15.80
CA LYS B 237 10.10 -12.03 -15.85
C LYS B 237 9.48 -13.19 -16.63
N ALA B 238 8.22 -13.50 -16.33
CA ALA B 238 7.55 -14.62 -17.02
C ALA B 238 7.51 -14.41 -18.52
N ARG B 239 7.14 -13.21 -18.96
CA ARG B 239 7.02 -12.97 -20.39
C ARG B 239 8.37 -13.06 -21.11
N LEU B 240 9.45 -12.67 -20.46
CA LEU B 240 10.75 -12.61 -21.11
C LEU B 240 11.47 -13.96 -21.18
N GLN B 241 10.99 -14.98 -20.48
CA GLN B 241 11.68 -16.26 -20.46
C GLN B 241 11.86 -16.82 -21.87
N LYS B 242 10.82 -16.76 -22.71
CA LYS B 242 10.93 -17.33 -24.05
C LYS B 242 11.96 -16.63 -24.91
N TYR B 243 12.44 -15.45 -24.53
CA TYR B 243 13.47 -14.73 -25.29
C TYR B 243 14.83 -14.80 -24.64
N SER B 244 14.99 -15.65 -23.61
CA SER B 244 16.28 -15.77 -22.94
C SER B 244 17.38 -16.16 -23.92
N THR B 245 17.01 -16.79 -25.04
CA THR B 245 17.98 -17.14 -26.08
C THR B 245 18.10 -16.07 -27.15
N LYS B 246 17.54 -14.88 -26.92
CA LYS B 246 17.68 -13.74 -27.82
C LYS B 246 18.07 -12.53 -26.97
N PRO B 247 19.34 -12.41 -26.61
CA PRO B 247 19.80 -11.24 -25.85
C PRO B 247 19.42 -9.94 -26.56
N GLY B 248 19.11 -8.92 -25.75
CA GLY B 248 18.70 -7.64 -26.28
C GLY B 248 17.20 -7.48 -26.45
N SER B 249 16.44 -8.56 -26.37
CA SER B 249 14.98 -8.45 -26.30
C SER B 249 14.61 -7.65 -25.06
N TYR B 250 13.62 -6.76 -25.20
CA TYR B 250 13.25 -5.93 -24.07
C TYR B 250 11.78 -5.55 -24.14
N ILE B 251 11.24 -5.18 -22.98
CA ILE B 251 9.90 -4.62 -22.85
C ILE B 251 9.94 -3.57 -21.74
N PHE B 252 8.98 -2.65 -21.79
CA PHE B 252 8.78 -1.67 -20.74
C PHE B 252 7.30 -1.59 -20.38
N ARG B 253 7.01 -1.17 -19.15
CA ARG B 253 5.68 -1.39 -18.60
C ARG B 253 5.41 -0.41 -17.46
N LEU B 254 4.17 -0.43 -16.99
CA LEU B 254 3.68 0.35 -15.87
C LEU B 254 3.39 -0.56 -14.68
N SER B 255 3.20 0.05 -13.51
CA SER B 255 2.88 -0.69 -12.31
C SER B 255 1.62 -0.12 -11.68
N CYS B 256 0.59 -0.96 -11.52
CA CYS B 256 -0.61 -0.48 -10.84
C CYS B 256 -0.34 -0.20 -9.36
N THR B 257 0.75 -0.76 -8.81
CA THR B 257 1.13 -0.47 -7.44
C THR B 257 1.80 0.89 -7.28
N ARG B 258 2.51 1.37 -8.32
CA ARG B 258 3.24 2.63 -8.27
C ARG B 258 2.95 3.40 -9.55
N LEU B 259 1.78 4.02 -9.60
CA LEU B 259 1.37 4.75 -10.79
C LEU B 259 2.34 5.90 -11.09
N GLY B 260 2.48 6.22 -12.37
CA GLY B 260 3.26 7.36 -12.80
C GLY B 260 4.72 7.11 -13.06
N GLN B 261 5.16 5.85 -13.09
CA GLN B 261 6.57 5.52 -13.24
C GLN B 261 6.74 4.34 -14.18
N TRP B 262 7.84 4.34 -14.91
CA TRP B 262 8.15 3.30 -15.88
C TRP B 262 9.11 2.27 -15.29
N ALA B 263 9.05 1.05 -15.83
CA ALA B 263 10.05 0.03 -15.54
C ALA B 263 10.36 -0.71 -16.84
N ILE B 264 11.61 -1.18 -16.96
CA ILE B 264 12.06 -1.90 -18.14
C ILE B 264 12.51 -3.30 -17.74
N GLY B 265 12.22 -4.27 -18.60
CA GLY B 265 12.81 -5.60 -18.47
C GLY B 265 13.51 -5.98 -19.76
N TYR B 266 14.64 -6.65 -19.62
CA TYR B 266 15.40 -7.03 -20.82
C TYR B 266 16.22 -8.29 -20.55
N VAL B 267 16.71 -8.88 -21.65
CA VAL B 267 17.49 -10.11 -21.64
C VAL B 267 18.93 -9.72 -21.88
N THR B 268 19.82 -10.10 -20.96
CA THR B 268 21.22 -9.73 -21.10
C THR B 268 21.93 -10.66 -22.08
N GLY B 269 23.13 -10.26 -22.49
CA GLY B 269 23.94 -11.07 -23.37
C GLY B 269 24.14 -12.47 -22.82
N ASP B 270 24.05 -12.60 -21.50
CA ASP B 270 24.19 -13.87 -20.82
C ASP B 270 22.90 -14.69 -20.83
N GLY B 271 21.81 -14.16 -21.38
CA GLY B 271 20.53 -14.85 -21.34
C GLY B 271 19.77 -14.69 -20.04
N ASN B 272 20.16 -13.72 -19.22
CA ASN B 272 19.44 -13.43 -17.99
C ASN B 272 18.43 -12.31 -18.21
N ILE B 273 17.36 -12.34 -17.42
CA ILE B 273 16.35 -11.30 -17.44
C ILE B 273 16.61 -10.35 -16.28
N LEU B 274 16.95 -9.10 -16.60
CA LEU B 274 17.13 -8.02 -15.62
C LEU B 274 16.03 -6.98 -15.79
N GLN B 275 15.68 -6.33 -14.69
CA GLN B 275 14.69 -5.27 -14.71
C GLN B 275 15.29 -4.05 -14.03
N THR B 276 14.97 -2.87 -14.57
CA THR B 276 15.54 -1.61 -14.12
C THR B 276 14.46 -0.52 -14.18
N ILE B 277 14.51 0.37 -13.19
CA ILE B 277 13.54 1.50 -13.13
C ILE B 277 14.29 2.75 -13.55
N PRO B 278 13.88 3.43 -14.64
CA PRO B 278 14.61 4.59 -15.14
C PRO B 278 14.43 5.83 -14.25
N HIS B 279 15.19 5.90 -13.16
CA HIS B 279 15.11 7.04 -12.22
C HIS B 279 15.88 8.19 -12.88
N ASN B 280 15.32 9.39 -12.90
CA ASN B 280 16.09 10.57 -13.41
C ASN B 280 16.26 10.66 -14.92
N LYS B 281 15.39 10.01 -15.70
CA LYS B 281 15.44 10.17 -17.18
C LYS B 281 14.07 9.87 -17.78
N PRO B 282 13.60 10.60 -18.82
CA PRO B 282 12.34 10.26 -19.47
C PRO B 282 12.52 8.94 -20.23
N LEU B 283 11.53 8.05 -20.21
CA LEU B 283 11.67 6.72 -20.86
C LEU B 283 12.15 6.92 -22.29
N PHE B 284 11.50 7.84 -23.02
CA PHE B 284 11.96 8.17 -24.40
C PHE B 284 13.48 8.17 -24.39
N GLN B 285 14.10 8.85 -23.42
CA GLN B 285 15.56 8.89 -23.48
C GLN B 285 16.22 7.61 -22.99
N ALA B 286 15.70 6.98 -21.94
CA ALA B 286 16.31 5.75 -21.43
C ALA B 286 16.32 4.66 -22.49
N LEU B 287 15.27 4.58 -23.29
CA LEU B 287 15.22 3.56 -24.35
C LEU B 287 16.25 3.87 -25.44
N ILE B 288 16.39 5.13 -25.81
CA ILE B 288 17.40 5.49 -26.82
C ILE B 288 18.80 5.28 -26.28
N ASP B 289 19.06 5.69 -25.03
CA ASP B 289 20.34 5.37 -24.42
C ASP B 289 20.58 3.87 -24.42
N GLY B 290 19.59 3.09 -23.98
CA GLY B 290 19.77 1.65 -23.90
C GLY B 290 20.01 0.99 -25.25
N SER B 291 19.35 1.49 -26.30
CA SER B 291 19.56 0.94 -27.62
C SER B 291 20.96 1.24 -28.13
N ARG B 292 21.39 2.50 -28.01
CA ARG B 292 22.74 2.86 -28.44
C ARG B 292 23.79 2.06 -27.68
N GLU B 293 23.59 1.86 -26.37
CA GLU B 293 24.52 1.03 -25.63
C GLU B 293 24.38 -0.45 -25.97
N GLY B 294 23.34 -0.83 -26.73
CA GLY B 294 23.18 -2.19 -27.19
C GLY B 294 22.35 -3.11 -26.32
N PHE B 295 21.69 -2.58 -25.28
CA PHE B 295 20.89 -3.39 -24.36
C PHE B 295 19.46 -3.59 -24.84
N TYR B 296 18.85 -2.54 -25.40
CA TYR B 296 17.44 -2.55 -25.81
C TYR B 296 17.40 -2.62 -27.33
N LEU B 297 17.37 -3.84 -27.88
CA LEU B 297 17.46 -4.07 -29.31
C LEU B 297 16.20 -4.63 -29.94
N TYR B 298 15.53 -5.59 -29.29
CA TYR B 298 14.44 -6.35 -29.89
C TYR B 298 13.19 -6.18 -29.05
N PRO B 299 12.32 -5.23 -29.39
CA PRO B 299 11.17 -4.93 -28.54
C PRO B 299 10.18 -6.09 -28.56
N ASP B 300 9.94 -6.66 -27.38
CA ASP B 300 9.07 -7.82 -27.23
C ASP B 300 9.52 -8.99 -28.13
N GLY B 301 10.80 -9.00 -28.52
CA GLY B 301 11.38 -10.07 -29.30
C GLY B 301 11.48 -9.78 -30.78
N ARG B 302 10.77 -8.77 -31.26
CA ARG B 302 10.80 -8.34 -32.65
C ARG B 302 12.13 -7.65 -32.97
N SER B 303 12.33 -7.29 -34.24
CA SER B 303 13.50 -6.53 -34.71
C SER B 303 13.11 -5.09 -35.10
N TYR B 304 13.14 -4.16 -34.13
CA TYR B 304 12.77 -2.77 -34.42
C TYR B 304 13.60 -1.76 -33.63
N ASN B 305 13.90 -0.63 -34.28
CA ASN B 305 14.54 0.50 -33.63
C ASN B 305 13.70 1.77 -33.81
MG MG C . 9.31 2.88 18.71
C4 A1AEG D . -9.49 -11.26 4.45
C5 A1AEG D . -10.04 -11.69 5.65
C6 A1AEG D . -11.42 -11.76 5.79
C7 A1AEG D . -12.24 -11.38 4.75
C13 A1AEG D . -9.70 -10.37 2.15
C17 A1AEG D . -6.73 -11.88 0.75
C20 A1AEG D . -9.36 -12.62 1.06
C22 A1AEG D . -7.45 -9.66 1.89
C1 A1AEG D . -12.66 -10.54 2.47
C16 A1AEG D . -7.63 -11.05 1.33
C18 A1AEG D . -7.14 -13.14 0.29
C19 A1AEG D . -8.45 -13.52 0.44
C2 A1AEG D . -11.69 -10.94 3.57
C25 A1AEG D . -9.15 -8.02 2.82
C27 A1AEG D . -8.12 -6.93 2.92
C29 A1AEG D . -8.52 -5.75 4.88
C3 A1AEG D . -10.30 -10.88 3.42
C30 A1AEG D . -9.03 -4.69 5.62
C31 A1AEG D . -8.80 -4.64 6.96
C32 A1AEG D . -8.06 -5.69 7.54
C33 A1AEG D . -7.79 -5.69 8.91
C34 A1AEG D . -7.07 -6.70 9.46
C35 A1AEG D . -6.60 -7.75 8.67
C36 A1AEG D . -6.83 -7.79 7.32
C37 A1AEG D . -7.58 -6.75 6.74
C39 A1AEG D . -6.35 -8.94 6.48
C40 A1AEG D . -4.89 -8.88 6.13
C44 A1AEG D . -5.00 -8.30 10.29
C45 A1AEG D . -6.45 -9.73 3.04
C9 A1AEG D . -14.10 -11.49 6.21
N10 A1AEG D . -9.18 -12.10 6.76
N15 A1AEG D . -8.93 -11.43 1.49
N24 A1AEG D . -8.79 -9.24 2.35
N38 A1AEG D . -7.84 -6.72 5.42
O11 A1AEG D . -9.68 -12.28 7.85
O12 A1AEG D . -7.99 -12.28 6.57
O21 A1AEG D . -10.53 -12.91 1.22
O26 A1AEG D . -10.30 -7.83 3.16
O28 A1AEG D . -8.73 -5.81 3.55
O41 A1AEG D . -4.29 -9.90 5.86
O42 A1AEG D . -4.28 -7.70 6.11
O43 A1AEG D . -5.89 -8.74 9.28
O8 A1AEG D . -13.59 -11.44 4.88
H14 A1AEG D . -10.52 -10.06 1.52
H23 A1AEG D . -7.10 -8.95 1.14
C1 GOL E . 3.59 -15.28 19.80
O1 GOL E . 2.33 -15.24 20.42
C2 GOL E . 3.48 -16.25 18.59
O2 GOL E . 4.18 -15.79 17.51
C3 GOL E . 4.00 -17.60 19.17
O3 GOL E . 3.87 -18.56 18.16
H11 GOL E . 4.29 -15.60 20.40
H12 GOL E . 3.89 -14.42 19.48
HO1 GOL E . 2.07 -16.05 20.52
H2 GOL E . 2.56 -16.36 18.27
HO2 GOL E . 4.84 -15.40 17.81
H31 GOL E . 3.51 -17.82 19.97
H32 GOL E . 4.93 -17.48 19.46
HO3 GOL E . 3.69 -18.13 17.46
C1 GOL F . 4.71 -13.04 9.21
O1 GOL F . 4.97 -13.70 8.05
C2 GOL F . 5.76 -13.45 10.21
O2 GOL F . 6.86 -14.06 9.61
C3 GOL F . 6.14 -12.11 10.92
O3 GOL F . 6.12 -12.35 12.28
H11 GOL F . 3.83 -13.25 9.56
H12 GOL F . 4.73 -12.07 9.10
HO1 GOL F . 5.35 -14.42 8.28
H2 GOL F . 5.41 -14.11 10.83
HO2 GOL F . 7.16 -13.55 9.03
H31 GOL F . 5.52 -11.42 10.64
H32 GOL F . 7.01 -11.81 10.59
HO3 GOL F . 5.30 -12.48 12.44
C1 GOL G . 4.11 -8.37 19.48
O1 GOL G . 3.97 -9.77 19.46
C2 GOL G . 4.34 -7.86 18.02
O2 GOL G . 4.00 -6.52 17.88
C3 GOL G . 5.84 -8.13 17.81
O3 GOL G . 6.00 -8.76 16.58
H11 GOL G . 4.85 -8.08 20.03
H12 GOL G . 3.32 -7.93 19.84
HO1 GOL G . 4.61 -10.08 18.98
H2 GOL G . 3.79 -8.32 17.36
HO2 GOL G . 4.25 -6.14 18.59
H31 GOL G . 6.16 -8.65 18.56
H32 GOL G . 6.31 -7.28 17.86
HO3 GOL G . 5.53 -8.34 16.03
MG MG H . -11.36 9.20 -15.05
C1 PEG I . 1.15 19.78 -31.81
O1 PEG I . -0.13 20.26 -32.18
C2 PEG I . 1.40 19.98 -30.33
O2 PEG I . 2.80 19.99 -30.07
C3 PEG I . 3.39 18.70 -30.11
C4 PEG I . 4.33 18.59 -31.27
O4 PEG I . 5.38 17.67 -31.01
H11 PEG I . 1.84 20.26 -32.31
H12 PEG I . 1.21 18.84 -32.02
HO1 PEG I . -0.63 20.46 -31.52
H21 PEG I . 0.99 19.26 -29.84
H22 PEG I . 1.02 20.83 -30.06
H31 PEG I . 2.69 18.03 -30.20
H32 PEG I . 3.88 18.54 -29.28
H41 PEG I . 4.71 19.46 -31.45
H42 PEG I . 3.83 18.29 -32.05
HO4 PEG I . 5.97 17.65 -31.62
C4 A1AEG J . 12.20 -3.94 -9.10
C5 A1AEG J . 12.75 -3.51 -10.28
C6 A1AEG J . 14.07 -3.10 -10.35
C7 A1AEG J . 14.85 -3.14 -9.21
C13 A1AEG J . 12.36 -4.45 -6.68
C17 A1AEG J . 10.04 -7.21 -6.46
C20 A1AEG J . 12.72 -6.95 -6.98
C22 A1AEG J . 10.04 -4.62 -6.22
C1 A1AEG J . 15.24 -3.58 -6.82
C16 A1AEG J . 10.63 -5.98 -6.47
C18 A1AEG J . 10.80 -8.35 -6.71
C19 A1AEG J . 12.14 -8.22 -6.97
C2 A1AEG J . 14.31 -3.58 -8.02
C25 A1AEG J . 11.11 -2.36 -6.06
C27 A1AEG J . 9.80 -1.75 -5.65
C29 A1AEG J . 9.64 0.37 -6.66
C3 A1AEG J . 12.98 -3.97 -7.97
C30 A1AEG J . 9.74 1.77 -6.64
C31 A1AEG J . 9.41 2.49 -7.74
C32 A1AEG J . 8.96 1.78 -8.88
C33 A1AEG J . 8.59 2.46 -10.05
C34 A1AEG J . 8.16 1.75 -11.12
C35 A1AEG J . 8.08 0.36 -11.10
C36 A1AEG J . 8.45 -0.34 -9.98
C37 A1AEG J . 8.89 0.35 -8.84
C39 A1AEG J . 8.35 -1.85 -9.95
C40 A1AEG J . 6.96 -2.34 -9.67
C44 A1AEG J . 6.59 0.36 -12.93
C45 A1AEG J . 8.97 -4.36 -7.28
C9 A1AEG J . 16.54 -1.91 -10.33
N10 A1AEG J . 11.90 -3.45 -11.49
N15 A1AEG J . 11.96 -5.86 -6.74
N24 A1AEG J . 11.16 -3.68 -6.31
N38 A1AEG J . 9.24 -0.29 -7.72
O11 A1AEG J . 12.30 -2.90 -12.49
O12 A1AEG J . 10.80 -3.95 -11.45
O21 A1AEG J . 13.92 -6.80 -7.21
O26 A1AEG J . 12.11 -1.69 -6.18
O28 A1AEG J . 9.98 -0.33 -5.55
O41 A1AEG J . 6.64 -3.45 -9.99
O42 A1AEG J . 6.09 -1.51 -9.04
O43 A1AEG J . 7.64 -0.29 -12.21
O8 A1AEG J . 16.15 -2.74 -9.24
H14 A1AEG J . 13.14 -4.30 -5.93
H23 A1AEG J . 9.59 -4.53 -5.22
#